data_2Y3U
#
_entry.id   2Y3U
#
_cell.length_a   56.960
_cell.length_b   109.050
_cell.length_c   182.460
_cell.angle_alpha   90.00
_cell.angle_beta   90.00
_cell.angle_gamma   90.00
#
_symmetry.space_group_name_H-M   'P 21 21 21'
#
loop_
_entity.id
_entity.type
_entity.pdbx_description
1 polymer COLLAGENASE
2 non-polymer 'HEXAETHYLENE GLYCOL'
3 non-polymer 'CITRATE ANION'
4 non-polymer DI(HYDROXYETHYL)ETHER
5 water water
#
_entity_poly.entity_id   1
_entity_poly.type   'polypeptide(L)'
_entity_poly.pdbx_seq_one_letter_code
;(MSE)GSSHHHHHHSSGENLYFQGGT(MSE)YDFEYLNGLSYTELTNLIKNIKWNQINGLFNYSTGSQKFFGDKNRVQAI
INALQESGRTYTAND(MSE)KGIETFTEVLRAGFYLGYYNDGLSYLNDRNFQDKCIPA(MSE)IAIQKNPNFKLGTAVQD
EVITSLGKLIGNASANAEVVNNCVPVLKQFRENLNQYAPDYVKGTAVNELIKGIEFDFSGAAYEKDVKT(MSE)PWYGKI
DPFINELKALGLYGNITSATEWASDVGIYYLSKFGLYSTNRNDIVQSLEKAVD(MSE)YKYGKIAFVA(MSE)ERITWDY
DGIGSNGKKVDHDKFLDDAEKHYLPKTYTFDNGTFIIRAGDKVSEEKIKRLYWASREVKSQFHRVVGNDKALEVGNADDV
LT(MSE)KIFNSPEEYKFNTNINGVSTDNGGLYIEPRGTFYTYERTPQQSIFSLEELFRHEYTHYLQARYLVDGLWGQGP
FYEKNRLTWFDEGTAEFFAGSTRTSGVLPRKLILGYLAKDKVDHRYSLKKTLNSGYDDSDW(MSE)FYNYGFAVAHYLYE
KD(MSE)PTFIK(MSE)NKAILNTDVKSYDEIIKKLSDDANKNTEYQNHIQELVDKYQGAGIPLVSDDYLKDHGYKKASE
VYSEISKAASLTNTSVTAEKSQYFNTFTLRGTYTGETSKGEFKDWDE(MSE)SKKLDGTLESLAKNSWSGYKTLTAYFTN
YRVTSDNKVQYDVVFHGVLTDNGDISNNKAPIAKVTGPSTGAVGRNIEFSGKDSKDEDGKIVSYDWDFGDGATSRGKNSV
HAYKKAGTYNVTLKVTDDKGATATESFTIEIKN
;
_entity_poly.pdbx_strand_id   A
#
loop_
_chem_comp.id
_chem_comp.type
_chem_comp.name
_chem_comp.formula
FLC non-polymer 'CITRATE ANION' 'C6 H5 O7 -3'
P6G non-polymer 'HEXAETHYLENE GLYCOL' 'C12 H26 O7'
PEG non-polymer DI(HYDROXYETHYL)ETHER 'C4 H10 O3'
#
# COMPACT_ATOMS: atom_id res chain seq x y z
N ASN A 15 -5.03 -47.29 25.06
CA ASN A 15 -6.17 -47.64 24.16
C ASN A 15 -7.53 -47.63 24.86
N LEU A 16 -8.52 -47.08 24.15
CA LEU A 16 -9.89 -46.97 24.66
C LEU A 16 -10.89 -47.68 23.74
N TYR A 17 -12.04 -48.04 24.32
CA TYR A 17 -13.07 -48.78 23.58
C TYR A 17 -14.48 -48.19 23.78
N PHE A 18 -14.51 -46.87 24.02
CA PHE A 18 -15.76 -46.12 24.13
C PHE A 18 -15.50 -44.67 23.73
N GLN A 19 -16.54 -44.01 23.19
CA GLN A 19 -16.43 -42.62 22.74
C GLN A 19 -17.06 -41.59 23.72
N GLY A 20 -18.34 -41.26 23.49
CA GLY A 20 -18.99 -40.18 24.21
C GLY A 20 -18.92 -38.89 23.37
N GLY A 21 -20.06 -38.57 22.72
CA GLY A 21 -20.32 -36.97 22.45
C GLY A 21 -20.09 -36.57 21.00
N THR A 22 -20.03 -37.19 20.03
CA THR A 22 -19.55 -37.50 18.67
C THR A 22 -18.16 -36.93 18.43
N MSE A 23 -17.45 -36.59 19.51
CA MSE A 23 -16.04 -36.17 19.43
C MSE A 23 -15.13 -37.36 19.75
O MSE A 23 -15.21 -37.94 20.82
CB MSE A 23 -15.77 -34.99 20.36
CG MSE A 23 -16.23 -33.63 19.80
SE MSE A 23 -15.12 -32.95 18.33
CE MSE A 23 -13.87 -31.85 19.39
N TYR A 24 -14.24 -37.69 18.80
CA TYR A 24 -13.40 -38.90 18.87
C TYR A 24 -11.94 -38.62 19.27
N ASP A 25 -11.41 -39.46 20.16
CA ASP A 25 -10.00 -39.41 20.57
C ASP A 25 -9.15 -40.48 19.86
N PHE A 26 -7.87 -40.17 19.61
CA PHE A 26 -6.91 -41.12 19.01
C PHE A 26 -6.75 -42.36 19.84
N GLU A 27 -6.76 -42.21 21.17
CA GLU A 27 -6.66 -43.36 22.05
C GLU A 27 -7.74 -44.37 21.66
N TYR A 28 -8.91 -43.86 21.29
CA TYR A 28 -10.04 -44.72 20.95
C TYR A 28 -9.93 -45.27 19.52
N LEU A 29 -9.47 -44.45 18.59
CA LEU A 29 -9.32 -44.85 17.21
C LEU A 29 -8.28 -45.96 17.10
N ASN A 30 -7.23 -45.87 17.93
CA ASN A 30 -6.17 -46.86 17.94
C ASN A 30 -6.62 -48.27 18.35
N GLY A 31 -7.76 -48.35 19.02
CA GLY A 31 -8.30 -49.62 19.49
C GLY A 31 -9.14 -50.33 18.44
N LEU A 32 -9.62 -49.58 17.47
CA LEU A 32 -10.51 -50.13 16.46
C LEU A 32 -9.74 -50.96 15.45
N SER A 33 -10.36 -52.04 14.99
CA SER A 33 -9.86 -52.76 13.81
C SER A 33 -9.76 -51.81 12.63
N TYR A 34 -9.00 -52.18 11.60
CA TYR A 34 -8.83 -51.29 10.45
C TYR A 34 -10.15 -51.12 9.69
N THR A 35 -10.90 -52.21 9.61
CA THR A 35 -12.20 -52.24 8.98
C THR A 35 -13.16 -51.26 9.64
N GLU A 36 -13.21 -51.32 10.96
CA GLU A 36 -14.08 -50.46 11.76
C GLU A 36 -13.62 -49.03 11.61
N LEU A 37 -12.29 -48.83 11.58
CA LEU A 37 -11.69 -47.49 11.56
C LEU A 37 -11.98 -46.77 10.25
N THR A 38 -11.75 -47.46 9.15
CA THR A 38 -11.81 -46.83 7.84
C THR A 38 -13.26 -46.50 7.53
N ASN A 39 -14.16 -47.34 8.02
CA ASN A 39 -15.58 -47.10 7.88
C ASN A 39 -16.04 -45.90 8.70
N LEU A 40 -15.49 -45.72 9.89
CA LEU A 40 -15.81 -44.56 10.71
C LEU A 40 -15.40 -43.27 10.01
N ILE A 41 -14.16 -43.22 9.55
CA ILE A 41 -13.62 -42.07 8.82
C ILE A 41 -14.50 -41.69 7.61
N LYS A 42 -15.03 -42.68 6.91
CA LYS A 42 -15.96 -42.44 5.81
C LYS A 42 -17.13 -41.57 6.20
N ASN A 43 -17.57 -41.65 7.45
CA ASN A 43 -18.69 -40.81 7.83
C ASN A 43 -18.51 -40.03 9.12
N ILE A 44 -17.41 -39.28 9.16
CA ILE A 44 -17.21 -38.24 10.15
C ILE A 44 -16.53 -37.06 9.45
N LYS A 45 -16.65 -35.87 10.03
CA LYS A 45 -15.90 -34.73 9.51
C LYS A 45 -14.52 -34.78 10.16
N TRP A 46 -13.52 -34.26 9.45
CA TRP A 46 -12.14 -34.37 9.90
C TRP A 46 -11.89 -33.65 11.22
N ASN A 47 -12.65 -32.61 11.48
CA ASN A 47 -12.48 -31.82 12.69
C ASN A 47 -12.97 -32.55 13.94
N GLN A 48 -13.77 -33.60 13.74
CA GLN A 48 -14.30 -34.44 14.83
C GLN A 48 -13.20 -35.27 15.53
N ILE A 49 -12.11 -35.54 14.81
CA ILE A 49 -10.94 -36.21 15.38
C ILE A 49 -10.20 -35.19 16.24
N ASN A 50 -10.06 -35.49 17.54
CA ASN A 50 -9.42 -34.56 18.48
C ASN A 50 -7.90 -34.51 18.37
N GLY A 51 -7.36 -33.30 18.27
CA GLY A 51 -5.93 -33.08 18.17
C GLY A 51 -5.29 -33.76 16.97
N LEU A 52 -6.05 -33.83 15.87
CA LEU A 52 -5.66 -34.58 14.68
C LEU A 52 -4.29 -34.16 14.15
N PHE A 53 -4.04 -32.86 14.16
CA PHE A 53 -2.77 -32.32 13.70
C PHE A 53 -1.74 -32.19 14.82
N ASN A 54 -2.15 -32.44 16.06
CA ASN A 54 -1.25 -32.38 17.21
C ASN A 54 -0.34 -33.60 17.31
N TYR A 55 0.91 -33.37 17.70
CA TYR A 55 1.82 -34.48 17.92
C TYR A 55 1.67 -35.01 19.34
N SER A 56 1.02 -36.17 19.44
CA SER A 56 0.77 -36.83 20.71
C SER A 56 1.41 -38.22 20.74
N THR A 57 1.51 -38.79 21.93
CA THR A 57 1.77 -40.21 22.05
C THR A 57 0.68 -40.96 21.30
N GLY A 58 -0.55 -40.44 21.38
CA GLY A 58 -1.71 -41.00 20.68
C GLY A 58 -1.58 -40.99 19.17
N SER A 59 -1.37 -39.80 18.61
CA SER A 59 -1.17 -39.65 17.17
C SER A 59 0.12 -40.32 16.69
N GLN A 60 1.16 -40.30 17.52
CA GLN A 60 2.39 -41.03 17.24
C GLN A 60 2.07 -42.50 17.02
N LYS A 61 1.31 -43.07 17.95
CA LYS A 61 0.90 -44.48 17.87
C LYS A 61 0.04 -44.76 16.63
N PHE A 62 -0.82 -43.80 16.29
CA PHE A 62 -1.79 -43.93 15.20
C PHE A 62 -1.13 -43.91 13.84
N PHE A 63 -0.31 -42.91 13.59
CA PHE A 63 0.37 -42.82 12.29
C PHE A 63 1.66 -43.63 12.27
N GLY A 64 2.08 -44.14 13.43
CA GLY A 64 3.32 -44.91 13.53
C GLY A 64 3.15 -46.31 12.99
N ASP A 65 1.89 -46.72 12.84
CA ASP A 65 1.51 -48.02 12.31
C ASP A 65 1.40 -47.97 10.77
N LYS A 66 2.43 -48.47 10.09
CA LYS A 66 2.51 -48.47 8.62
C LYS A 66 1.37 -49.27 7.98
N ASN A 67 0.89 -50.29 8.69
CA ASN A 67 -0.26 -51.07 8.23
C ASN A 67 -1.57 -50.29 8.32
N ARG A 68 -1.71 -49.47 9.36
CA ARG A 68 -2.91 -48.65 9.52
C ARG A 68 -3.03 -47.55 8.45
N VAL A 69 -1.94 -46.81 8.23
CA VAL A 69 -1.98 -45.77 7.21
C VAL A 69 -2.26 -46.38 5.84
N GLN A 70 -1.67 -47.54 5.56
CA GLN A 70 -1.89 -48.24 4.31
C GLN A 70 -3.35 -48.60 4.19
N ALA A 71 -3.97 -48.98 5.31
CA ALA A 71 -5.39 -49.26 5.34
C ALA A 71 -6.16 -48.00 4.97
N ILE A 72 -5.72 -46.87 5.51
CA ILE A 72 -6.37 -45.60 5.20
C ILE A 72 -6.24 -45.24 3.72
N ILE A 73 -5.05 -45.47 3.16
CA ILE A 73 -4.80 -45.27 1.74
C ILE A 73 -5.71 -46.14 0.84
N ASN A 74 -5.85 -47.42 1.23
CA ASN A 74 -6.65 -48.40 0.49
C ASN A 74 -8.13 -48.03 0.50
N ALA A 75 -8.61 -47.60 1.66
CA ALA A 75 -9.97 -47.14 1.80
C ALA A 75 -10.26 -45.91 0.93
N LEU A 76 -9.31 -44.96 0.86
CA LEU A 76 -9.42 -43.82 -0.04
C LEU A 76 -9.43 -44.26 -1.50
N GLN A 77 -8.57 -45.22 -1.85
CA GLN A 77 -8.56 -45.81 -3.19
C GLN A 77 -9.91 -46.41 -3.55
N GLU A 78 -10.60 -46.98 -2.56
CA GLU A 78 -11.88 -47.62 -2.82
C GLU A 78 -13.02 -46.61 -3.00
N SER A 79 -12.98 -45.54 -2.22
CA SER A 79 -14.01 -44.52 -2.28
C SER A 79 -13.75 -43.61 -3.49
N GLY A 80 -12.53 -43.64 -4.01
CA GLY A 80 -12.21 -42.97 -5.26
C GLY A 80 -12.79 -43.69 -6.46
N ARG A 81 -12.93 -45.00 -6.33
CA ARG A 81 -13.48 -45.84 -7.39
C ARG A 81 -15.01 -45.75 -7.42
N THR A 82 -15.61 -45.36 -6.29
CA THR A 82 -17.08 -45.45 -6.13
C THR A 82 -17.85 -44.14 -5.91
N TYR A 83 -17.16 -43.02 -5.78
CA TYR A 83 -17.86 -41.78 -5.44
C TYR A 83 -18.75 -41.30 -6.56
N THR A 84 -19.88 -40.72 -6.19
CA THR A 84 -20.87 -40.26 -7.14
C THR A 84 -21.13 -38.76 -6.94
N ALA A 85 -21.94 -38.16 -7.81
CA ALA A 85 -22.20 -36.72 -7.79
C ALA A 85 -22.87 -36.26 -6.49
N ASN A 86 -23.65 -37.16 -5.89
CA ASN A 86 -24.38 -36.87 -4.65
C ASN A 86 -23.63 -37.28 -3.37
N ASP A 87 -22.85 -38.36 -3.45
CA ASP A 87 -22.11 -38.88 -2.30
C ASP A 87 -20.61 -38.90 -2.55
N MSE A 88 -19.88 -38.35 -1.58
CA MSE A 88 -18.43 -38.18 -1.71
C MSE A 88 -17.65 -39.36 -1.13
O MSE A 88 -16.43 -39.47 -1.35
CB MSE A 88 -18.03 -36.88 -1.03
CG MSE A 88 -16.65 -36.40 -1.37
SE MSE A 88 -16.20 -34.82 -0.31
CE MSE A 88 -16.52 -35.59 1.48
N LYS A 89 -18.35 -40.24 -0.40
CA LYS A 89 -17.76 -41.42 0.22
C LYS A 89 -16.55 -41.10 1.12
N GLY A 90 -16.64 -39.97 1.81
CA GLY A 90 -15.63 -39.57 2.79
C GLY A 90 -14.27 -39.19 2.24
N ILE A 91 -14.16 -39.04 0.93
CA ILE A 91 -12.88 -38.69 0.30
C ILE A 91 -12.22 -37.49 0.98
N GLU A 92 -13.02 -36.52 1.39
CA GLU A 92 -12.46 -35.37 2.08
C GLU A 92 -11.80 -35.78 3.39
N THR A 93 -12.50 -36.59 4.17
CA THR A 93 -11.98 -36.99 5.46
C THR A 93 -10.76 -37.88 5.30
N PHE A 94 -10.84 -38.86 4.40
CA PHE A 94 -9.70 -39.71 4.10
C PHE A 94 -8.45 -38.90 3.77
N THR A 95 -8.63 -37.84 2.96
CA THR A 95 -7.51 -37.01 2.52
C THR A 95 -6.96 -36.13 3.65
N GLU A 96 -7.84 -35.59 4.49
CA GLU A 96 -7.39 -34.76 5.59
C GLU A 96 -6.58 -35.56 6.62
N VAL A 97 -7.06 -36.78 6.92
CA VAL A 97 -6.35 -37.70 7.78
C VAL A 97 -4.96 -37.98 7.20
N LEU A 98 -4.87 -38.28 5.92
CA LEU A 98 -3.56 -38.53 5.32
C LEU A 98 -2.64 -37.29 5.36
N ARG A 99 -3.22 -36.13 5.07
CA ARG A 99 -2.49 -34.88 5.11
C ARG A 99 -1.91 -34.67 6.50
N ALA A 100 -2.65 -35.09 7.52
CA ALA A 100 -2.19 -35.00 8.90
C ALA A 100 -0.98 -35.91 9.12
N GLY A 101 -1.06 -37.13 8.59
CA GLY A 101 0.05 -38.06 8.61
C GLY A 101 1.32 -37.42 8.12
N PHE A 102 1.33 -36.98 6.87
CA PHE A 102 2.51 -36.40 6.24
C PHE A 102 3.03 -35.14 6.92
N TYR A 103 2.11 -34.32 7.40
CA TYR A 103 2.43 -33.10 8.16
C TYR A 103 3.27 -33.40 9.41
N LEU A 104 2.76 -34.27 10.27
CA LEU A 104 3.44 -34.67 11.50
C LEU A 104 4.75 -35.41 11.19
N GLY A 105 4.75 -36.17 10.08
CA GLY A 105 5.92 -36.89 9.61
C GLY A 105 7.05 -35.97 9.18
N TYR A 106 6.68 -34.87 8.55
CA TYR A 106 7.62 -33.80 8.22
C TYR A 106 8.30 -33.18 9.46
N TYR A 107 7.50 -32.85 10.48
CA TYR A 107 7.99 -32.12 11.65
C TYR A 107 8.62 -33.00 12.75
N ASN A 108 8.07 -34.18 12.97
CA ASN A 108 8.51 -35.03 14.10
C ASN A 108 9.28 -36.29 13.70
N ASP A 109 10.44 -36.47 14.32
CA ASP A 109 11.21 -37.70 14.14
C ASP A 109 10.43 -38.83 14.79
N GLY A 110 10.53 -40.02 14.23
CA GLY A 110 9.75 -41.17 14.71
C GLY A 110 8.61 -41.46 13.77
N LEU A 111 8.17 -40.41 13.06
CA LEU A 111 7.24 -40.54 11.94
C LEU A 111 7.95 -40.22 10.63
N SER A 112 9.28 -40.12 10.68
CA SER A 112 10.11 -39.72 9.52
C SER A 112 9.96 -40.58 8.25
N TYR A 113 9.54 -41.84 8.43
CA TYR A 113 9.25 -42.72 7.30
C TYR A 113 8.11 -42.13 6.45
N LEU A 114 7.29 -41.29 7.07
CA LEU A 114 6.18 -40.63 6.34
C LEU A 114 6.68 -39.50 5.44
N ASN A 115 7.86 -38.97 5.75
CA ASN A 115 8.52 -37.94 4.95
C ASN A 115 9.08 -38.48 3.64
N ASP A 116 9.48 -39.75 3.63
CA ASP A 116 10.10 -40.36 2.45
C ASP A 116 9.15 -40.38 1.25
N ARG A 117 9.60 -39.77 0.15
CA ARG A 117 8.83 -39.73 -1.09
C ARG A 117 8.41 -41.13 -1.52
N ASN A 118 9.30 -42.11 -1.34
CA ASN A 118 9.01 -43.52 -1.64
C ASN A 118 7.72 -44.02 -0.98
N PHE A 119 7.49 -43.63 0.28
CA PHE A 119 6.24 -43.99 0.95
C PHE A 119 5.06 -43.19 0.40
N GLN A 120 5.30 -41.91 0.14
CA GLN A 120 4.26 -41.00 -0.34
C GLN A 120 3.63 -41.48 -1.64
N ASP A 121 4.42 -42.16 -2.46
CA ASP A 121 3.97 -42.67 -3.76
C ASP A 121 2.85 -43.68 -3.61
N LYS A 122 2.72 -44.24 -2.41
CA LYS A 122 1.67 -45.20 -2.08
C LYS A 122 0.26 -44.63 -2.22
N CYS A 123 0.16 -43.29 -2.25
CA CYS A 123 -1.10 -42.59 -2.46
C CYS A 123 -1.53 -42.52 -3.92
N ILE A 124 -0.57 -42.68 -4.83
CA ILE A 124 -0.81 -42.55 -6.27
C ILE A 124 -1.92 -43.47 -6.83
N PRO A 125 -1.95 -44.74 -6.40
CA PRO A 125 -3.03 -45.62 -6.87
C PRO A 125 -4.41 -45.13 -6.48
N ALA A 126 -4.52 -44.52 -5.30
CA ALA A 126 -5.77 -43.88 -4.84
C ALA A 126 -6.09 -42.65 -5.69
N MSE A 127 -5.05 -41.86 -5.99
CA MSE A 127 -5.23 -40.68 -6.80
C MSE A 127 -5.76 -41.05 -8.17
O MSE A 127 -6.78 -40.52 -8.61
CB MSE A 127 -3.91 -39.93 -6.90
CG MSE A 127 -3.45 -39.38 -5.57
SE MSE A 127 -1.75 -38.49 -5.75
CE MSE A 127 -1.44 -38.12 -3.86
N ILE A 128 -5.08 -41.98 -8.83
CA ILE A 128 -5.51 -42.52 -10.12
C ILE A 128 -6.96 -43.01 -10.07
N ALA A 129 -7.32 -43.71 -8.99
CA ALA A 129 -8.68 -44.21 -8.82
C ALA A 129 -9.67 -43.06 -8.90
N ILE A 130 -9.34 -41.95 -8.24
CA ILE A 130 -10.20 -40.77 -8.23
C ILE A 130 -10.31 -40.17 -9.63
N GLN A 131 -9.19 -40.18 -10.35
CA GLN A 131 -9.09 -39.60 -11.67
C GLN A 131 -9.81 -40.43 -12.72
N LYS A 132 -9.73 -41.76 -12.62
CA LYS A 132 -10.46 -42.65 -13.52
C LYS A 132 -11.98 -42.71 -13.26
N ASN A 133 -12.45 -42.23 -12.10
CA ASN A 133 -13.90 -42.13 -11.87
C ASN A 133 -14.57 -41.23 -12.90
N PRO A 134 -15.70 -41.69 -13.49
CA PRO A 134 -16.39 -40.87 -14.49
C PRO A 134 -16.88 -39.54 -13.92
N ASN A 135 -16.97 -39.47 -12.59
CA ASN A 135 -17.36 -38.25 -11.88
C ASN A 135 -16.20 -37.28 -11.60
N PHE A 136 -15.01 -37.62 -12.08
CA PHE A 136 -13.86 -36.73 -11.93
C PHE A 136 -13.94 -35.56 -12.91
N LYS A 137 -14.77 -34.59 -12.56
CA LYS A 137 -15.05 -33.45 -13.42
C LYS A 137 -15.52 -32.34 -12.52
N LEU A 138 -15.38 -31.10 -12.97
CA LEU A 138 -16.04 -29.99 -12.30
C LEU A 138 -17.54 -30.09 -12.56
N GLY A 139 -18.35 -29.64 -11.61
CA GLY A 139 -19.80 -29.78 -11.71
C GLY A 139 -20.47 -29.43 -10.39
N THR A 140 -20.94 -30.45 -9.68
CA THR A 140 -21.61 -30.26 -8.40
C THR A 140 -20.63 -30.11 -7.25
N ALA A 141 -21.13 -29.66 -6.10
CA ALA A 141 -20.29 -29.39 -4.93
C ALA A 141 -19.37 -30.56 -4.57
N VAL A 142 -19.93 -31.77 -4.54
CA VAL A 142 -19.15 -32.98 -4.28
C VAL A 142 -17.98 -33.14 -5.27
N GLN A 143 -18.29 -33.12 -6.56
CA GLN A 143 -17.27 -33.27 -7.60
C GLN A 143 -16.19 -32.22 -7.47
N ASP A 144 -16.58 -30.99 -7.16
CA ASP A 144 -15.66 -29.86 -7.00
C ASP A 144 -14.79 -30.04 -5.74
N GLU A 145 -15.42 -30.35 -4.61
CA GLU A 145 -14.70 -30.67 -3.35
C GLU A 145 -13.68 -31.81 -3.51
N VAL A 146 -14.06 -32.86 -4.25
CA VAL A 146 -13.15 -33.96 -4.58
C VAL A 146 -11.86 -33.49 -5.26
N ILE A 147 -12.00 -32.60 -6.25
CA ILE A 147 -10.85 -32.02 -6.94
C ILE A 147 -10.01 -31.17 -5.98
N THR A 148 -10.68 -30.32 -5.19
CA THR A 148 -10.02 -29.52 -4.18
C THR A 148 -9.21 -30.39 -3.22
N SER A 149 -9.82 -31.46 -2.72
CA SER A 149 -9.18 -32.37 -1.80
C SER A 149 -7.96 -33.05 -2.42
N LEU A 150 -8.13 -33.52 -3.65
CA LEU A 150 -7.04 -34.12 -4.40
C LEU A 150 -5.82 -33.20 -4.53
N GLY A 151 -6.04 -31.92 -4.86
CA GLY A 151 -4.96 -30.99 -5.11
C GLY A 151 -4.14 -30.78 -3.85
N LYS A 152 -4.83 -30.72 -2.72
CA LYS A 152 -4.21 -30.55 -1.40
C LYS A 152 -3.43 -31.79 -0.96
N LEU A 153 -3.88 -32.96 -1.37
CA LEU A 153 -3.20 -34.19 -1.00
C LEU A 153 -1.92 -34.33 -1.79
N ILE A 154 -1.99 -34.06 -3.09
CA ILE A 154 -0.78 -34.01 -3.91
C ILE A 154 0.24 -33.05 -3.29
N GLY A 155 -0.25 -31.90 -2.82
CA GLY A 155 0.55 -30.93 -2.12
C GLY A 155 1.41 -31.52 -1.01
N ASN A 156 0.83 -32.42 -0.20
CA ASN A 156 1.56 -33.03 0.92
C ASN A 156 2.20 -34.38 0.59
N ALA A 157 1.71 -35.04 -0.46
CA ALA A 157 2.16 -36.37 -0.82
C ALA A 157 3.01 -36.36 -2.10
N SER A 158 2.53 -36.99 -3.15
CA SER A 158 3.28 -37.21 -4.39
C SER A 158 2.42 -37.11 -5.63
N ALA A 159 3.09 -36.94 -6.76
CA ALA A 159 2.41 -36.97 -8.06
C ALA A 159 3.24 -37.67 -9.12
N ASN A 160 2.54 -38.18 -10.14
CA ASN A 160 3.14 -38.77 -11.32
C ASN A 160 2.95 -37.85 -12.51
N ALA A 161 3.88 -37.94 -13.46
CA ALA A 161 3.59 -37.50 -14.82
C ALA A 161 2.20 -38.02 -15.23
N GLU A 162 1.93 -39.26 -14.86
CA GLU A 162 0.65 -39.91 -15.15
C GLU A 162 -0.53 -39.20 -14.48
N VAL A 163 -0.37 -38.82 -13.21
CA VAL A 163 -1.42 -38.14 -12.45
C VAL A 163 -1.68 -36.74 -12.99
N VAL A 164 -0.60 -36.00 -13.22
CA VAL A 164 -0.65 -34.62 -13.69
C VAL A 164 -1.43 -34.53 -15.00
N ASN A 165 -1.07 -35.36 -15.97
CA ASN A 165 -1.73 -35.37 -17.26
C ASN A 165 -3.22 -35.72 -17.16
N ASN A 166 -3.61 -36.47 -16.13
CA ASN A 166 -5.03 -36.77 -15.91
C ASN A 166 -5.82 -35.53 -15.48
N CYS A 167 -5.12 -34.47 -15.08
CA CYS A 167 -5.77 -33.21 -14.74
C CYS A 167 -6.17 -32.43 -15.99
N VAL A 168 -5.57 -32.82 -17.12
CA VAL A 168 -5.82 -32.19 -18.41
C VAL A 168 -7.32 -31.96 -18.76
N PRO A 169 -8.18 -33.01 -18.68
CA PRO A 169 -9.59 -32.75 -19.01
C PRO A 169 -10.21 -31.65 -18.13
N VAL A 170 -9.86 -31.64 -16.85
CA VAL A 170 -10.41 -30.66 -15.91
C VAL A 170 -10.00 -29.24 -16.29
N LEU A 171 -8.76 -29.08 -16.75
CA LEU A 171 -8.26 -27.80 -17.19
C LEU A 171 -8.99 -27.35 -18.45
N LYS A 172 -9.22 -28.29 -19.37
CA LYS A 172 -9.95 -28.00 -20.61
C LYS A 172 -11.38 -27.60 -20.30
N GLN A 173 -11.98 -28.33 -19.37
CA GLN A 173 -13.36 -28.12 -18.97
C GLN A 173 -13.52 -26.72 -18.39
N PHE A 174 -12.52 -26.31 -17.62
CA PHE A 174 -12.46 -25.01 -17.01
C PHE A 174 -12.26 -23.95 -18.08
N ARG A 175 -11.32 -24.20 -18.98
CA ARG A 175 -11.04 -23.25 -20.06
C ARG A 175 -12.32 -22.99 -20.86
N GLU A 176 -12.89 -24.06 -21.40
CA GLU A 176 -14.12 -24.01 -22.16
C GLU A 176 -15.30 -23.33 -21.45
N ASN A 177 -15.25 -23.23 -20.14
CA ASN A 177 -16.31 -22.58 -19.40
C ASN A 177 -15.83 -21.41 -18.55
N LEU A 178 -14.78 -20.73 -19.03
CA LEU A 178 -14.05 -19.74 -18.24
C LEU A 178 -14.93 -18.66 -17.64
N ASN A 179 -15.81 -18.08 -18.45
CA ASN A 179 -16.61 -16.93 -18.03
C ASN A 179 -17.65 -17.27 -16.97
N GLN A 180 -18.09 -18.52 -16.95
CA GLN A 180 -18.95 -19.02 -15.88
C GLN A 180 -18.16 -19.46 -14.64
N TYR A 181 -17.10 -20.24 -14.86
CA TYR A 181 -16.36 -20.94 -13.79
C TYR A 181 -15.37 -20.10 -12.98
N ALA A 182 -14.50 -19.36 -13.68
CA ALA A 182 -13.48 -18.52 -13.01
C ALA A 182 -14.04 -17.53 -11.98
N PRO A 183 -15.21 -16.90 -12.25
CA PRO A 183 -15.87 -16.07 -11.23
C PRO A 183 -16.47 -16.83 -10.05
N ASP A 184 -16.70 -18.14 -10.19
CA ASP A 184 -17.24 -18.97 -9.08
C ASP A 184 -16.12 -19.33 -8.13
N TYR A 185 -16.29 -18.95 -6.86
CA TYR A 185 -15.30 -19.21 -5.84
C TYR A 185 -14.94 -20.68 -5.71
N VAL A 186 -15.95 -21.55 -5.61
CA VAL A 186 -15.71 -22.97 -5.37
C VAL A 186 -15.08 -23.63 -6.59
N LYS A 187 -15.66 -23.41 -7.76
CA LYS A 187 -15.06 -23.89 -9.00
C LYS A 187 -13.60 -23.41 -9.18
N GLY A 188 -13.37 -22.13 -8.95
CA GLY A 188 -12.08 -21.53 -9.18
C GLY A 188 -11.05 -21.97 -8.17
N THR A 189 -11.49 -22.11 -6.92
CA THR A 189 -10.62 -22.63 -5.88
C THR A 189 -10.16 -24.06 -6.21
N ALA A 190 -11.03 -24.84 -6.82
CA ALA A 190 -10.71 -26.24 -7.10
C ALA A 190 -9.56 -26.38 -8.08
N VAL A 191 -9.65 -25.69 -9.20
CA VAL A 191 -8.61 -25.72 -10.22
C VAL A 191 -7.28 -25.14 -9.70
N ASN A 192 -7.38 -24.04 -8.95
CA ASN A 192 -6.21 -23.40 -8.35
C ASN A 192 -5.54 -24.31 -7.32
N GLU A 193 -6.33 -24.95 -6.46
CA GLU A 193 -5.79 -25.87 -5.48
C GLU A 193 -5.08 -27.04 -6.14
N LEU A 194 -5.67 -27.55 -7.23
CA LEU A 194 -5.08 -28.64 -7.99
C LEU A 194 -3.72 -28.28 -8.62
N ILE A 195 -3.64 -27.12 -9.27
CA ILE A 195 -2.41 -26.71 -9.93
C ILE A 195 -1.33 -26.39 -8.91
N LYS A 196 -1.69 -25.61 -7.90
CA LYS A 196 -0.79 -25.17 -6.86
C LYS A 196 -0.25 -26.38 -6.10
N GLY A 197 -1.11 -27.36 -5.90
CA GLY A 197 -0.78 -28.61 -5.23
C GLY A 197 0.28 -29.39 -5.97
N ILE A 198 0.07 -29.60 -7.27
CA ILE A 198 1.00 -30.35 -8.10
C ILE A 198 2.35 -29.65 -8.20
N GLU A 199 2.30 -28.32 -8.26
CA GLU A 199 3.48 -27.52 -8.45
C GLU A 199 4.33 -27.57 -7.17
N PHE A 200 3.65 -27.55 -6.03
CA PHE A 200 4.33 -27.62 -4.73
C PHE A 200 5.09 -28.94 -4.55
N ASP A 201 4.48 -30.04 -4.97
CA ASP A 201 5.11 -31.36 -4.89
C ASP A 201 6.30 -31.44 -5.83
N PHE A 202 6.14 -30.88 -7.03
CA PHE A 202 7.15 -30.99 -8.07
C PHE A 202 8.36 -30.13 -7.76
N SER A 203 8.11 -28.89 -7.34
CA SER A 203 9.19 -27.98 -6.98
C SER A 203 9.98 -28.54 -5.79
N GLY A 204 9.27 -29.09 -4.81
CA GLY A 204 9.88 -29.72 -3.63
C GLY A 204 10.87 -30.82 -4.00
N ALA A 205 10.44 -31.72 -4.87
CA ALA A 205 11.25 -32.86 -5.32
C ALA A 205 12.52 -32.47 -6.07
N ALA A 206 12.51 -31.30 -6.71
CA ALA A 206 13.64 -30.86 -7.52
C ALA A 206 14.47 -29.74 -6.86
N TYR A 207 14.37 -29.61 -5.54
CA TYR A 207 14.88 -28.45 -4.80
C TYR A 207 16.29 -27.98 -5.20
N GLU A 208 17.26 -28.89 -5.15
CA GLU A 208 18.61 -28.54 -5.58
C GLU A 208 19.13 -29.58 -6.56
N LYS A 209 18.28 -30.54 -6.90
CA LYS A 209 18.62 -31.56 -7.88
C LYS A 209 18.44 -31.02 -9.29
N ASP A 210 19.17 -31.63 -10.23
CA ASP A 210 19.08 -31.30 -11.65
C ASP A 210 17.72 -31.69 -12.23
N VAL A 211 16.95 -30.66 -12.59
CA VAL A 211 15.58 -30.82 -13.11
C VAL A 211 15.45 -31.84 -14.26
N LYS A 212 16.52 -32.02 -15.04
CA LYS A 212 16.54 -33.00 -16.12
C LYS A 212 16.32 -34.45 -15.62
N THR A 213 16.85 -34.75 -14.44
CA THR A 213 16.67 -36.07 -13.84
C THR A 213 15.40 -36.11 -12.99
N MSE A 214 14.24 -36.05 -13.64
CA MSE A 214 12.95 -36.25 -12.98
C MSE A 214 12.08 -37.18 -13.82
O MSE A 214 12.06 -37.08 -15.05
CB MSE A 214 12.23 -34.91 -12.73
CG MSE A 214 12.96 -33.96 -11.76
SE MSE A 214 12.91 -34.56 -9.90
CE MSE A 214 14.67 -33.99 -9.29
N PRO A 215 11.34 -38.10 -13.16
CA PRO A 215 10.49 -39.07 -13.85
C PRO A 215 9.51 -38.43 -14.85
N TRP A 216 9.08 -37.21 -14.55
CA TRP A 216 8.02 -36.53 -15.28
C TRP A 216 8.54 -35.53 -16.32
N TYR A 217 9.83 -35.23 -16.24
CA TYR A 217 10.46 -34.25 -17.13
C TYR A 217 10.26 -34.61 -18.60
N GLY A 218 9.67 -33.69 -19.35
CA GLY A 218 9.39 -33.95 -20.75
C GLY A 218 8.18 -34.83 -20.97
N LYS A 219 7.58 -35.30 -19.87
CA LYS A 219 6.42 -36.17 -19.97
C LYS A 219 5.10 -35.43 -19.70
N ILE A 220 5.16 -34.12 -19.49
CA ILE A 220 3.96 -33.34 -19.14
C ILE A 220 3.56 -32.30 -20.19
N ASP A 221 3.97 -32.52 -21.44
CA ASP A 221 3.60 -31.64 -22.55
C ASP A 221 2.09 -31.34 -22.67
N PRO A 222 1.21 -32.36 -22.53
CA PRO A 222 -0.23 -32.06 -22.58
C PRO A 222 -0.69 -31.12 -21.47
N PHE A 223 -0.08 -31.23 -20.30
CA PHE A 223 -0.41 -30.39 -19.15
C PHE A 223 0.06 -28.98 -19.38
N ILE A 224 1.34 -28.85 -19.77
CA ILE A 224 1.93 -27.57 -20.12
C ILE A 224 1.12 -26.86 -21.23
N ASN A 225 0.80 -27.61 -22.28
CA ASN A 225 -0.03 -27.10 -23.36
C ASN A 225 -1.39 -26.64 -22.88
N GLU A 226 -1.92 -27.29 -21.85
CA GLU A 226 -3.19 -26.88 -21.30
C GLU A 226 -3.07 -25.56 -20.53
N LEU A 227 -1.88 -25.29 -19.97
CA LEU A 227 -1.62 -24.06 -19.24
C LEU A 227 -1.38 -22.86 -20.17
N LYS A 228 -0.77 -23.13 -21.32
CA LYS A 228 -0.54 -22.12 -22.34
C LYS A 228 -1.88 -21.57 -22.74
N ALA A 229 -2.82 -22.48 -22.99
CA ALA A 229 -4.15 -22.12 -23.46
C ALA A 229 -4.84 -21.20 -22.46
N LEU A 230 -4.70 -21.50 -21.18
CA LEU A 230 -5.27 -20.66 -20.13
C LEU A 230 -4.58 -19.32 -20.08
N GLY A 231 -3.25 -19.35 -20.09
CA GLY A 231 -2.48 -18.13 -19.98
C GLY A 231 -2.76 -17.19 -21.14
N LEU A 232 -2.85 -17.76 -22.34
CA LEU A 232 -2.96 -16.97 -23.55
C LEU A 232 -4.41 -16.85 -24.02
N TYR A 233 -5.35 -16.89 -23.07
CA TYR A 233 -6.78 -16.87 -23.36
C TYR A 233 -7.22 -15.63 -24.14
N GLY A 234 -6.63 -14.48 -23.84
CA GLY A 234 -6.96 -13.27 -24.56
C GLY A 234 -8.16 -12.53 -24.00
N ASN A 235 -9.34 -13.15 -24.03
CA ASN A 235 -10.56 -12.40 -23.69
C ASN A 235 -10.88 -12.24 -22.21
N ILE A 236 -9.92 -11.71 -21.48
CA ILE A 236 -10.10 -11.62 -20.05
C ILE A 236 -10.99 -10.46 -19.65
N THR A 237 -11.55 -10.57 -18.45
CA THR A 237 -12.39 -9.54 -17.85
C THR A 237 -11.82 -9.32 -16.46
N SER A 238 -12.48 -8.52 -15.64
CA SER A 238 -12.08 -8.37 -14.24
C SER A 238 -12.29 -9.72 -13.53
N ALA A 239 -13.44 -10.33 -13.79
CA ALA A 239 -13.82 -11.57 -13.13
C ALA A 239 -12.92 -12.78 -13.48
N THR A 240 -12.45 -12.84 -14.73
CA THR A 240 -11.72 -14.02 -15.21
C THR A 240 -10.20 -13.85 -15.32
N GLU A 241 -9.68 -12.69 -14.96
CA GLU A 241 -8.27 -12.38 -15.14
C GLU A 241 -7.34 -13.29 -14.32
N TRP A 242 -7.75 -13.58 -13.10
CA TRP A 242 -6.93 -14.41 -12.21
C TRP A 242 -6.56 -15.76 -12.82
N ALA A 243 -7.49 -16.35 -13.58
CA ALA A 243 -7.30 -17.66 -14.20
C ALA A 243 -6.14 -17.67 -15.20
N SER A 244 -6.11 -16.68 -16.08
CA SER A 244 -5.04 -16.53 -17.05
C SER A 244 -3.74 -16.13 -16.37
N ASP A 245 -3.84 -15.36 -15.29
CA ASP A 245 -2.70 -15.07 -14.43
C ASP A 245 -2.06 -16.37 -13.90
N VAL A 246 -2.88 -17.23 -13.31
CA VAL A 246 -2.45 -18.57 -12.88
C VAL A 246 -1.79 -19.35 -14.04
N GLY A 247 -2.43 -19.31 -15.21
CA GLY A 247 -1.96 -20.00 -16.39
C GLY A 247 -0.54 -19.62 -16.71
N ILE A 248 -0.29 -18.31 -16.76
CA ILE A 248 1.03 -17.78 -17.11
C ILE A 248 2.05 -18.12 -16.05
N TYR A 249 1.68 -17.90 -14.80
CA TYR A 249 2.60 -18.16 -13.67
C TYR A 249 3.01 -19.63 -13.61
N TYR A 250 2.04 -20.52 -13.76
CA TYR A 250 2.31 -21.93 -13.71
C TYR A 250 2.82 -22.51 -15.04
N LEU A 251 2.61 -21.78 -16.14
CA LEU A 251 3.24 -22.11 -17.40
C LEU A 251 4.73 -22.03 -17.23
N SER A 252 5.19 -20.93 -16.65
CA SER A 252 6.59 -20.77 -16.35
C SER A 252 7.09 -21.90 -15.44
N LYS A 253 6.31 -22.21 -14.40
CA LYS A 253 6.75 -23.20 -13.39
C LYS A 253 6.88 -24.60 -13.95
N PHE A 254 5.85 -25.06 -14.67
CA PHE A 254 5.88 -26.39 -15.28
C PHE A 254 6.72 -26.42 -16.53
N GLY A 255 6.92 -25.25 -17.14
CA GLY A 255 7.71 -25.13 -18.39
C GLY A 255 9.14 -25.61 -18.21
N LEU A 256 9.58 -25.63 -16.95
CA LEU A 256 10.87 -26.18 -16.58
C LEU A 256 11.03 -27.66 -16.94
N TYR A 257 9.90 -28.38 -17.02
CA TYR A 257 9.91 -29.81 -17.39
C TYR A 257 9.51 -30.01 -18.85
N SER A 258 9.89 -29.04 -19.68
CA SER A 258 9.75 -29.13 -21.13
C SER A 258 11.12 -29.26 -21.77
N THR A 259 11.19 -30.05 -22.83
CA THR A 259 12.43 -30.18 -23.58
C THR A 259 12.75 -28.90 -24.37
N ASN A 260 11.71 -28.15 -24.75
CA ASN A 260 11.93 -26.88 -25.45
C ASN A 260 11.75 -25.64 -24.58
N ARG A 261 12.88 -25.15 -24.07
CA ARG A 261 12.92 -23.92 -23.29
C ARG A 261 12.39 -22.70 -24.07
N ASN A 262 12.96 -22.49 -25.25
CA ASN A 262 12.63 -21.32 -26.09
C ASN A 262 11.15 -21.23 -26.48
N ASP A 263 10.48 -22.38 -26.58
CA ASP A 263 9.06 -22.45 -26.89
C ASP A 263 8.21 -21.96 -25.73
N ILE A 264 8.63 -22.31 -24.51
CA ILE A 264 7.94 -21.84 -23.31
C ILE A 264 8.08 -20.33 -23.21
N VAL A 265 9.32 -19.86 -23.33
CA VAL A 265 9.59 -18.42 -23.25
C VAL A 265 8.83 -17.64 -24.33
N GLN A 266 8.64 -18.27 -25.50
CA GLN A 266 7.85 -17.68 -26.58
C GLN A 266 6.42 -17.37 -26.14
N SER A 267 5.81 -18.33 -25.44
CA SER A 267 4.46 -18.17 -24.95
C SER A 267 4.40 -17.09 -23.88
N LEU A 268 5.45 -16.99 -23.06
CA LEU A 268 5.51 -15.94 -22.02
C LEU A 268 5.62 -14.56 -22.66
N GLU A 269 6.44 -14.45 -23.71
CA GLU A 269 6.64 -13.21 -24.44
C GLU A 269 5.38 -12.79 -25.17
N LYS A 270 4.56 -13.79 -25.54
CA LYS A 270 3.30 -13.53 -26.21
C LYS A 270 2.32 -12.93 -25.21
N ALA A 271 2.31 -13.45 -23.99
CA ALA A 271 1.52 -12.90 -22.87
C ALA A 271 1.79 -11.43 -22.66
N VAL A 272 3.07 -11.06 -22.70
CA VAL A 272 3.46 -9.65 -22.55
C VAL A 272 2.82 -8.80 -23.63
N ASP A 273 2.94 -9.23 -24.89
CA ASP A 273 2.37 -8.54 -26.03
C ASP A 273 0.85 -8.48 -26.01
N MSE A 274 0.21 -9.59 -25.67
CA MSE A 274 -1.24 -9.71 -25.63
C MSE A 274 -1.90 -8.81 -24.59
O MSE A 274 -2.89 -8.16 -24.85
CB MSE A 274 -1.56 -11.17 -25.31
CG MSE A 274 -2.95 -11.65 -25.65
SE MSE A 274 -2.98 -13.38 -25.21
CE MSE A 274 -1.83 -14.00 -26.44
N TYR A 275 -1.35 -8.79 -23.38
CA TYR A 275 -1.83 -7.97 -22.30
C TYR A 275 -0.69 -7.06 -22.01
N LYS A 276 -0.85 -5.76 -22.15
CA LYS A 276 0.34 -4.94 -22.07
C LYS A 276 0.11 -3.80 -21.15
N TYR A 277 0.97 -3.76 -20.14
CA TYR A 277 0.84 -2.84 -19.04
C TYR A 277 -0.41 -3.19 -18.20
N GLY A 278 -0.90 -4.41 -18.37
CA GLY A 278 -1.89 -5.00 -17.48
C GLY A 278 -1.15 -6.00 -16.58
N LYS A 279 -1.84 -6.50 -15.55
CA LYS A 279 -1.25 -7.40 -14.54
C LYS A 279 -0.49 -8.63 -15.11
N ILE A 280 -1.10 -9.32 -16.07
CA ILE A 280 -0.51 -10.54 -16.61
C ILE A 280 0.79 -10.31 -17.38
N ALA A 281 0.96 -9.14 -17.98
CA ALA A 281 2.21 -8.86 -18.67
C ALA A 281 3.36 -8.71 -17.66
N PHE A 282 3.05 -8.08 -16.52
CA PHE A 282 4.00 -7.92 -15.41
C PHE A 282 4.44 -9.26 -14.86
N VAL A 283 3.47 -10.14 -14.59
CA VAL A 283 3.73 -11.52 -14.17
C VAL A 283 4.60 -12.25 -15.21
N ALA A 284 4.13 -12.29 -16.46
CA ALA A 284 4.86 -12.94 -17.53
C ALA A 284 6.30 -12.46 -17.59
N MSE A 285 6.47 -11.15 -17.46
CA MSE A 285 7.80 -10.55 -17.46
C MSE A 285 8.62 -11.00 -16.24
O MSE A 285 9.79 -11.38 -16.38
CB MSE A 285 7.68 -9.02 -17.54
CG MSE A 285 8.93 -8.33 -17.96
SE MSE A 285 9.57 -8.67 -19.78
CE MSE A 285 11.41 -8.13 -19.51
N GLU A 286 8.01 -10.99 -15.05
CA GLU A 286 8.67 -11.55 -13.87
C GLU A 286 9.11 -13.00 -14.13
N ARG A 287 8.22 -13.81 -14.68
CA ARG A 287 8.51 -15.21 -14.93
C ARG A 287 9.73 -15.41 -15.84
N ILE A 288 9.93 -14.50 -16.80
CA ILE A 288 11.05 -14.62 -17.73
C ILE A 288 12.36 -14.32 -17.01
N THR A 289 12.38 -13.26 -16.22
CA THR A 289 13.62 -12.88 -15.53
C THR A 289 13.96 -13.86 -14.40
N TRP A 290 12.95 -14.23 -13.60
CA TRP A 290 13.19 -15.11 -12.47
C TRP A 290 13.31 -16.59 -12.87
N ASP A 291 12.34 -17.12 -13.60
CA ASP A 291 12.35 -18.53 -13.97
C ASP A 291 13.25 -18.87 -15.17
N TYR A 292 13.53 -17.89 -16.04
CA TYR A 292 14.25 -18.18 -17.27
C TYR A 292 15.49 -17.32 -17.52
N ASP A 293 16.08 -16.83 -16.43
CA ASP A 293 17.36 -16.11 -16.49
C ASP A 293 17.29 -14.78 -17.23
N GLY A 294 16.09 -14.28 -17.46
CA GLY A 294 15.90 -13.05 -18.22
C GLY A 294 16.50 -13.12 -19.61
N ILE A 295 16.38 -14.29 -20.22
CA ILE A 295 16.86 -14.53 -21.57
C ILE A 295 15.62 -14.85 -22.41
N GLY A 296 15.53 -14.25 -23.59
CA GLY A 296 14.34 -14.38 -24.42
C GLY A 296 14.35 -15.64 -25.26
N SER A 297 13.36 -15.77 -26.13
CA SER A 297 13.32 -16.89 -27.09
C SER A 297 14.42 -16.80 -28.14
N ASN A 298 14.99 -15.62 -28.34
CA ASN A 298 16.07 -15.44 -29.30
C ASN A 298 17.47 -15.60 -28.68
N GLY A 299 17.52 -15.69 -27.36
CA GLY A 299 18.78 -15.93 -26.64
C GLY A 299 19.51 -14.68 -26.17
N LYS A 300 18.84 -13.54 -26.22
CA LYS A 300 19.42 -12.28 -25.78
C LYS A 300 18.63 -11.68 -24.61
N LYS A 301 19.36 -11.07 -23.68
CA LYS A 301 18.81 -10.57 -22.41
C LYS A 301 17.67 -9.58 -22.60
N VAL A 302 16.48 -9.96 -22.13
CA VAL A 302 15.32 -9.08 -22.16
C VAL A 302 15.57 -7.89 -21.23
N ASP A 303 15.28 -6.68 -21.71
CA ASP A 303 15.47 -5.49 -20.87
C ASP A 303 14.24 -5.23 -20.01
N HIS A 304 14.27 -5.76 -18.79
CA HIS A 304 13.18 -5.60 -17.83
C HIS A 304 13.01 -4.13 -17.43
N ASP A 305 14.14 -3.44 -17.28
CA ASP A 305 14.13 -2.01 -16.91
C ASP A 305 13.45 -1.12 -17.94
N LYS A 306 13.68 -1.40 -19.23
CA LYS A 306 13.01 -0.67 -20.30
C LYS A 306 11.50 -0.93 -20.27
N PHE A 307 11.10 -2.19 -20.06
CA PHE A 307 9.69 -2.57 -20.01
C PHE A 307 8.94 -1.80 -18.94
N LEU A 308 9.56 -1.63 -17.77
CA LEU A 308 8.96 -0.84 -16.69
C LEU A 308 8.89 0.64 -17.05
N ASP A 309 9.91 1.13 -17.76
CA ASP A 309 9.94 2.50 -18.22
C ASP A 309 8.89 2.74 -19.31
N ASP A 310 8.64 1.72 -20.13
CA ASP A 310 7.58 1.78 -21.14
C ASP A 310 6.21 1.81 -20.50
N ALA A 311 6.04 0.99 -19.46
CA ALA A 311 4.81 0.91 -18.70
C ALA A 311 4.48 2.23 -17.99
N GLU A 312 5.48 2.86 -17.39
CA GLU A 312 5.27 4.13 -16.70
C GLU A 312 4.88 5.23 -17.70
N LYS A 313 5.51 5.20 -18.88
CA LYS A 313 5.15 6.15 -19.95
C LYS A 313 3.73 5.93 -20.49
N HIS A 314 3.23 4.71 -20.40
CA HIS A 314 1.88 4.43 -20.87
C HIS A 314 0.86 4.95 -19.89
N TYR A 315 1.12 4.75 -18.60
CA TYR A 315 0.22 5.22 -17.55
C TYR A 315 0.37 6.68 -17.21
N LEU A 316 1.61 7.19 -17.30
CA LEU A 316 1.95 8.58 -17.02
C LEU A 316 2.56 9.30 -18.24
N PRO A 317 1.76 9.46 -19.31
CA PRO A 317 2.29 10.03 -20.53
C PRO A 317 2.52 11.54 -20.47
N LYS A 318 1.71 12.24 -19.68
CA LYS A 318 1.76 13.72 -19.66
C LYS A 318 2.76 14.24 -18.63
N THR A 319 3.51 15.27 -19.00
CA THR A 319 4.47 15.93 -18.08
C THR A 319 4.13 17.41 -17.95
N TYR A 320 4.13 17.90 -16.70
CA TYR A 320 3.92 19.33 -16.45
C TYR A 320 5.03 19.85 -15.53
N THR A 321 5.64 20.96 -15.93
CA THR A 321 6.83 21.47 -15.25
C THR A 321 6.56 22.83 -14.63
N PHE A 322 7.01 23.01 -13.39
CA PHE A 322 6.90 24.29 -12.70
C PHE A 322 8.21 24.72 -12.03
N ASP A 323 8.33 26.02 -11.79
CA ASP A 323 9.42 26.59 -11.00
C ASP A 323 10.75 26.13 -11.54
N ASN A 324 11.01 26.41 -12.82
CA ASN A 324 12.27 26.08 -13.46
C ASN A 324 12.63 24.60 -13.33
N GLY A 325 11.63 23.73 -13.41
CA GLY A 325 11.86 22.29 -13.31
C GLY A 325 12.15 21.74 -11.92
N THR A 326 11.79 22.46 -10.88
CA THR A 326 12.00 22.01 -9.51
C THR A 326 10.74 21.37 -8.96
N PHE A 327 9.65 21.46 -9.72
CA PHE A 327 8.35 20.91 -9.35
C PHE A 327 7.71 20.28 -10.59
N ILE A 328 7.79 18.96 -10.69
CA ILE A 328 7.35 18.24 -11.90
C ILE A 328 6.18 17.28 -11.63
N ILE A 329 5.15 17.38 -12.45
CA ILE A 329 4.08 16.40 -12.35
C ILE A 329 4.03 15.50 -13.59
N ARG A 330 4.08 14.19 -13.38
CA ARG A 330 3.89 13.25 -14.46
C ARG A 330 2.52 12.66 -14.22
N ALA A 331 1.67 12.68 -15.23
CA ALA A 331 0.27 12.36 -14.99
C ALA A 331 -0.35 11.54 -16.13
N GLY A 332 -1.43 10.84 -15.80
CA GLY A 332 -2.21 10.12 -16.78
C GLY A 332 -2.89 11.09 -17.72
N ASP A 333 -3.26 10.60 -18.91
CA ASP A 333 -3.89 11.43 -19.93
C ASP A 333 -5.25 12.01 -19.52
N LYS A 334 -5.87 11.42 -18.50
CA LYS A 334 -7.23 11.82 -18.11
C LYS A 334 -7.29 12.79 -16.93
N VAL A 335 -6.14 13.09 -16.33
CA VAL A 335 -6.15 14.03 -15.21
C VAL A 335 -6.16 15.48 -15.70
N SER A 336 -7.15 16.23 -15.23
CA SER A 336 -7.46 17.59 -15.68
C SER A 336 -6.28 18.55 -15.59
N GLU A 337 -6.14 19.47 -16.55
CA GLU A 337 -5.06 20.46 -16.45
C GLU A 337 -5.32 21.49 -15.37
N GLU A 338 -6.58 21.92 -15.24
CA GLU A 338 -7.03 22.70 -14.10
C GLU A 338 -6.47 22.16 -12.79
N LYS A 339 -6.72 20.87 -12.52
CA LYS A 339 -6.22 20.21 -11.31
C LYS A 339 -4.75 20.45 -11.08
N ILE A 340 -3.97 20.17 -12.13
CA ILE A 340 -2.52 20.35 -12.13
C ILE A 340 -2.16 21.73 -11.59
N LYS A 341 -2.80 22.77 -12.13
CA LYS A 341 -2.54 24.14 -11.70
C LYS A 341 -2.97 24.36 -10.25
N ARG A 342 -4.19 23.93 -9.93
CA ARG A 342 -4.70 24.01 -8.58
C ARG A 342 -3.72 23.37 -7.57
N LEU A 343 -3.15 22.21 -7.91
CA LEU A 343 -2.22 21.54 -7.01
C LEU A 343 -0.97 22.38 -6.79
N TYR A 344 -0.47 22.99 -7.85
CA TYR A 344 0.70 23.85 -7.74
C TYR A 344 0.42 24.97 -6.72
N TRP A 345 -0.69 25.67 -6.92
CA TRP A 345 -1.06 26.79 -6.07
C TRP A 345 -1.39 26.33 -4.67
N ALA A 346 -1.93 25.13 -4.55
CA ALA A 346 -2.17 24.56 -3.22
C ALA A 346 -0.83 24.34 -2.50
N SER A 347 0.19 23.89 -3.23
CA SER A 347 1.51 23.69 -2.62
C SER A 347 2.02 24.99 -2.04
N ARG A 348 1.76 26.09 -2.74
CA ARG A 348 2.20 27.43 -2.34
C ARG A 348 1.55 27.94 -1.07
N GLU A 349 0.28 27.60 -0.89
CA GLU A 349 -0.46 28.01 0.29
C GLU A 349 0.07 27.27 1.51
N VAL A 350 0.29 25.97 1.36
CA VAL A 350 0.69 25.16 2.50
C VAL A 350 2.10 25.58 2.90
N LYS A 351 2.92 25.82 1.91
CA LYS A 351 4.31 26.20 2.12
C LYS A 351 4.41 27.51 2.91
N SER A 352 3.54 28.48 2.61
CA SER A 352 3.62 29.79 3.27
C SER A 352 3.23 29.70 4.73
N GLN A 353 2.16 28.96 5.04
CA GLN A 353 1.81 28.70 6.45
C GLN A 353 2.91 27.96 7.20
N PHE A 354 3.47 26.93 6.58
CA PHE A 354 4.51 26.09 7.19
C PHE A 354 5.75 26.89 7.61
N HIS A 355 6.25 27.73 6.70
CA HIS A 355 7.41 28.56 6.98
C HIS A 355 7.12 29.62 8.07
N ARG A 356 5.92 30.17 8.07
CA ARG A 356 5.51 31.07 9.14
C ARG A 356 5.74 30.42 10.51
N VAL A 357 5.15 29.25 10.71
CA VAL A 357 5.15 28.59 12.00
C VAL A 357 6.53 28.09 12.35
N VAL A 358 7.21 27.49 11.39
CA VAL A 358 8.50 26.85 11.64
C VAL A 358 9.64 27.88 11.66
N GLY A 359 9.50 28.96 10.90
CA GLY A 359 10.47 30.03 10.93
C GLY A 359 11.74 29.83 10.13
N ASN A 360 11.78 28.80 9.30
CA ASN A 360 12.93 28.52 8.43
C ASN A 360 12.49 28.17 7.03
N ASP A 361 13.13 28.75 6.01
CA ASP A 361 12.85 28.41 4.61
C ASP A 361 14.08 27.94 3.86
N LYS A 362 15.19 27.79 4.58
CA LYS A 362 16.42 27.29 3.99
C LYS A 362 16.50 25.79 4.24
N ALA A 363 16.58 25.03 3.15
CA ALA A 363 16.69 23.56 3.19
C ALA A 363 17.88 23.12 4.04
N LEU A 364 17.70 22.05 4.81
CA LEU A 364 18.66 21.66 5.86
C LEU A 364 19.90 20.98 5.29
N GLU A 365 19.69 20.13 4.29
CA GLU A 365 20.78 19.48 3.60
C GLU A 365 20.94 20.01 2.16
N VAL A 366 22.16 19.85 1.63
CA VAL A 366 22.49 20.28 0.27
C VAL A 366 22.46 19.10 -0.70
N GLY A 367 21.73 19.27 -1.81
CA GLY A 367 21.79 18.33 -2.93
C GLY A 367 20.99 17.06 -2.72
N ASN A 368 20.01 17.12 -1.82
CA ASN A 368 19.13 15.98 -1.63
C ASN A 368 18.18 15.89 -2.82
N ALA A 369 17.57 14.73 -2.99
CA ALA A 369 16.65 14.53 -4.10
C ALA A 369 15.44 15.48 -4.13
N ASP A 370 15.02 16.01 -2.97
CA ASP A 370 13.84 16.91 -2.87
C ASP A 370 14.08 18.33 -3.41
N ASP A 371 15.32 18.59 -3.82
CA ASP A 371 15.66 19.74 -4.64
C ASP A 371 14.72 19.82 -5.83
N VAL A 372 14.34 18.66 -6.37
CA VAL A 372 13.27 18.59 -7.37
C VAL A 372 12.13 17.79 -6.77
N LEU A 373 10.94 18.36 -6.71
CA LEU A 373 9.80 17.58 -6.23
C LEU A 373 9.08 16.98 -7.43
N THR A 374 8.77 15.69 -7.34
CA THR A 374 8.14 14.98 -8.43
C THR A 374 6.87 14.37 -7.95
N MSE A 375 5.82 14.52 -8.74
CA MSE A 375 4.57 13.93 -8.39
C MSE A 375 4.01 13.14 -9.56
O MSE A 375 3.83 13.65 -10.64
CB MSE A 375 3.59 14.99 -7.97
CG MSE A 375 2.27 14.44 -7.51
SE MSE A 375 1.25 15.94 -6.87
CE MSE A 375 -0.46 15.08 -6.42
N LYS A 376 3.76 11.86 -9.31
CA LYS A 376 3.26 10.97 -10.32
C LYS A 376 1.82 10.65 -10.00
N ILE A 377 0.90 11.03 -10.89
CA ILE A 377 -0.52 10.93 -10.63
C ILE A 377 -1.18 10.01 -11.64
N PHE A 378 -1.50 8.80 -11.23
CA PHE A 378 -2.18 7.84 -12.10
C PHE A 378 -3.65 8.23 -12.35
N ASN A 379 -4.23 7.76 -13.44
CA ASN A 379 -5.59 8.13 -13.81
C ASN A 379 -6.65 7.74 -12.78
N SER A 380 -6.38 6.63 -12.10
CA SER A 380 -7.39 5.99 -11.27
C SER A 380 -6.78 5.07 -10.22
N PRO A 381 -7.59 4.67 -9.23
CA PRO A 381 -7.13 3.68 -8.25
C PRO A 381 -6.78 2.38 -8.92
N GLU A 382 -7.56 1.99 -9.94
CA GLU A 382 -7.27 0.78 -10.71
C GLU A 382 -5.88 0.86 -11.30
N GLU A 383 -5.61 1.95 -12.02
CA GLU A 383 -4.33 2.14 -12.69
C GLU A 383 -3.18 2.34 -11.71
N TYR A 384 -3.51 2.90 -10.55
CA TYR A 384 -2.55 3.19 -9.50
C TYR A 384 -1.75 1.97 -9.06
N LYS A 385 -2.40 0.81 -9.03
CA LYS A 385 -1.80 -0.44 -8.56
C LYS A 385 -0.50 -0.82 -9.26
N PHE A 386 -0.39 -0.52 -10.55
CA PHE A 386 0.81 -0.91 -11.30
C PHE A 386 2.03 -0.10 -10.85
N ASN A 387 1.82 0.83 -9.91
CA ASN A 387 2.91 1.65 -9.41
C ASN A 387 3.84 0.85 -8.53
N THR A 388 3.27 -0.14 -7.84
CA THR A 388 4.08 -1.02 -7.02
C THR A 388 4.95 -1.88 -7.94
N ASN A 389 4.34 -2.39 -9.01
CA ASN A 389 5.07 -3.05 -10.08
C ASN A 389 6.17 -2.19 -10.68
N ILE A 390 5.82 -0.97 -11.05
CA ILE A 390 6.71 -0.09 -11.79
C ILE A 390 7.80 0.51 -10.90
N ASN A 391 7.40 0.97 -9.71
CA ASN A 391 8.30 1.75 -8.86
C ASN A 391 8.63 1.14 -7.52
N GLY A 392 8.15 -0.09 -7.31
CA GLY A 392 8.48 -0.85 -6.13
C GLY A 392 8.03 -0.25 -4.82
N VAL A 393 6.84 0.39 -4.83
CA VAL A 393 6.29 0.98 -3.62
C VAL A 393 4.89 0.48 -3.34
N SER A 394 4.50 0.50 -2.08
CA SER A 394 3.18 0.08 -1.69
C SER A 394 2.16 1.00 -2.33
N THR A 395 1.03 0.42 -2.70
CA THR A 395 -0.05 1.16 -3.29
C THR A 395 -1.33 0.93 -2.47
N ASP A 396 -1.15 0.37 -1.28
CA ASP A 396 -2.25 0.19 -0.31
C ASP A 396 -2.46 1.47 0.45
N ASN A 397 -2.66 2.56 -0.28
CA ASN A 397 -2.76 3.86 0.35
C ASN A 397 -3.43 4.79 -0.63
N GLY A 398 -3.87 5.96 -0.16
CA GLY A 398 -4.37 7.00 -1.03
C GLY A 398 -3.25 7.73 -1.75
N GLY A 399 -2.00 7.47 -1.34
CA GLY A 399 -0.85 8.16 -1.90
C GLY A 399 0.35 8.14 -0.97
N LEU A 400 1.54 8.38 -1.49
CA LEU A 400 2.73 8.14 -0.69
C LEU A 400 3.91 9.02 -1.09
N TYR A 401 4.52 9.66 -0.10
CA TYR A 401 5.70 10.45 -0.35
C TYR A 401 6.96 9.67 0.06
N ILE A 402 7.88 9.49 -0.89
CA ILE A 402 9.13 8.82 -0.64
C ILE A 402 10.22 9.87 -0.68
N GLU A 403 10.72 10.21 0.49
CA GLU A 403 11.64 11.33 0.66
C GLU A 403 13.00 11.13 -0.02
N PRO A 404 13.58 9.91 0.05
CA PRO A 404 14.88 9.75 -0.61
C PRO A 404 14.78 9.97 -2.12
N ARG A 405 13.56 9.94 -2.65
CA ARG A 405 13.34 10.16 -4.07
C ARG A 405 12.75 11.54 -4.35
N GLY A 406 12.39 12.26 -3.30
CA GLY A 406 11.61 13.50 -3.45
C GLY A 406 10.36 13.29 -4.29
N THR A 407 9.77 12.10 -4.21
CA THR A 407 8.67 11.76 -5.09
C THR A 407 7.39 11.40 -4.38
N PHE A 408 6.30 11.97 -4.87
CA PHE A 408 4.99 11.67 -4.37
C PHE A 408 4.22 10.87 -5.42
N TYR A 409 3.63 9.75 -5.01
CA TYR A 409 2.84 8.89 -5.88
C TYR A 409 1.40 8.91 -5.41
N THR A 410 0.48 9.14 -6.33
CA THR A 410 -0.94 9.17 -5.99
C THR A 410 -1.71 8.91 -7.28
N TYR A 411 -3.02 9.16 -7.25
CA TYR A 411 -3.85 8.98 -8.42
C TYR A 411 -5.02 9.91 -8.36
N GLU A 412 -5.62 10.23 -9.50
CA GLU A 412 -6.88 10.98 -9.50
C GLU A 412 -7.96 10.02 -9.04
N ARG A 413 -9.08 10.55 -8.53
CA ARG A 413 -10.05 9.74 -7.79
C ARG A 413 -11.39 10.44 -7.82
N THR A 414 -12.46 9.67 -7.70
CA THR A 414 -13.80 10.26 -7.66
C THR A 414 -14.28 10.29 -6.22
N PRO A 415 -15.28 11.15 -5.91
CA PRO A 415 -15.78 11.27 -4.55
C PRO A 415 -16.21 9.91 -3.97
N GLN A 416 -16.76 9.04 -4.83
CA GLN A 416 -17.15 7.69 -4.42
C GLN A 416 -15.94 6.81 -4.10
N GLN A 417 -14.80 7.09 -4.74
CA GLN A 417 -13.60 6.30 -4.55
C GLN A 417 -12.83 6.64 -3.28
N SER A 418 -12.87 7.91 -2.89
CA SER A 418 -12.19 8.35 -1.67
C SER A 418 -12.85 9.56 -1.05
N ILE A 419 -12.84 9.58 0.27
CA ILE A 419 -13.34 10.72 1.00
C ILE A 419 -12.51 11.96 0.66
N PHE A 420 -11.19 11.80 0.61
CA PHE A 420 -10.31 12.89 0.21
C PHE A 420 -10.27 13.09 -1.31
N SER A 421 -10.44 14.33 -1.76
CA SER A 421 -10.15 14.68 -3.15
C SER A 421 -8.63 14.71 -3.34
N LEU A 422 -8.19 14.86 -4.58
CA LEU A 422 -6.77 14.81 -4.87
C LEU A 422 -6.06 15.99 -4.25
N GLU A 423 -6.64 17.18 -4.34
CA GLU A 423 -5.98 18.36 -3.72
C GLU A 423 -5.74 18.15 -2.23
N GLU A 424 -6.78 17.75 -1.49
CA GLU A 424 -6.69 17.54 -0.03
C GLU A 424 -5.57 16.60 0.35
N LEU A 425 -5.51 15.47 -0.35
CA LEU A 425 -4.52 14.45 -0.04
C LEU A 425 -3.12 14.99 -0.30
N PHE A 426 -3.00 15.82 -1.32
CA PHE A 426 -1.74 16.46 -1.67
C PHE A 426 -1.32 17.52 -0.63
N ARG A 427 -2.30 18.28 -0.16
CA ARG A 427 -2.07 19.27 0.87
C ARG A 427 -1.54 18.62 2.13
N HIS A 428 -2.08 17.45 2.47
CA HIS A 428 -1.61 16.62 3.58
C HIS A 428 -0.21 16.03 3.34
N GLU A 429 0.02 15.38 2.21
CA GLU A 429 1.27 14.67 1.99
C GLU A 429 2.40 15.66 1.72
N TYR A 430 2.05 16.77 1.07
CA TYR A 430 3.00 17.81 0.76
C TYR A 430 3.67 18.26 2.05
N THR A 431 2.91 18.25 3.14
CA THR A 431 3.45 18.66 4.42
C THR A 431 4.62 17.76 4.86
N HIS A 432 4.57 16.48 4.51
CA HIS A 432 5.67 15.59 4.85
C HIS A 432 6.90 15.95 4.05
N TYR A 433 6.69 16.41 2.81
CA TYR A 433 7.81 16.91 2.00
C TYR A 433 8.46 18.12 2.68
N LEU A 434 7.63 19.00 3.24
CA LEU A 434 8.10 20.18 3.99
C LEU A 434 8.81 19.79 5.29
N GLN A 435 8.19 18.93 6.09
CA GLN A 435 8.86 18.43 7.30
C GLN A 435 10.27 17.89 7.00
N ALA A 436 10.38 17.07 5.97
CA ALA A 436 11.64 16.41 5.66
C ALA A 436 12.71 17.35 5.10
N ARG A 437 12.31 18.28 4.26
CA ARG A 437 13.25 19.21 3.68
C ARG A 437 13.67 20.32 4.61
N TYR A 438 12.72 20.89 5.36
CA TYR A 438 12.98 22.14 6.08
C TYR A 438 13.01 22.03 7.59
N LEU A 439 12.53 20.91 8.15
CA LEU A 439 12.38 20.85 9.60
C LEU A 439 13.26 19.82 10.29
N VAL A 440 13.25 18.59 9.78
CA VAL A 440 13.96 17.50 10.43
C VAL A 440 15.25 17.14 9.72
N ASP A 441 16.37 17.45 10.37
CA ASP A 441 17.69 17.20 9.81
C ASP A 441 17.98 15.70 9.58
N GLY A 442 18.60 15.41 8.44
CA GLY A 442 18.93 14.04 8.08
C GLY A 442 17.71 13.33 7.52
N LEU A 443 17.72 12.00 7.55
CA LEU A 443 16.67 11.21 6.93
C LEU A 443 15.38 11.24 7.72
N TRP A 444 14.28 11.50 7.04
CA TRP A 444 12.98 11.55 7.70
C TRP A 444 12.58 10.17 8.23
N GLY A 445 12.33 10.11 9.55
CA GLY A 445 11.94 8.87 10.24
C GLY A 445 13.12 8.05 10.75
N GLN A 446 14.34 8.56 10.59
CA GLN A 446 15.54 7.77 10.82
C GLN A 446 16.70 8.57 11.37
N GLY A 447 16.46 9.36 12.42
CA GLY A 447 17.59 9.96 13.14
C GLY A 447 17.32 10.05 14.63
N PRO A 448 18.10 10.88 15.35
CA PRO A 448 17.97 11.03 16.79
C PRO A 448 16.52 11.15 17.24
N PHE A 449 15.72 11.94 16.55
CA PHE A 449 14.32 12.10 16.94
C PHE A 449 13.47 10.85 16.84
N TYR A 450 13.99 9.80 16.20
CA TYR A 450 13.20 8.59 16.01
C TYR A 450 13.70 7.36 16.79
N GLU A 451 14.75 7.56 17.58
CA GLU A 451 15.30 6.50 18.43
C GLU A 451 14.20 6.03 19.41
N LYS A 452 13.51 7.01 19.99
CA LYS A 452 12.25 6.79 20.69
C LYS A 452 11.10 7.37 19.84
N ASN A 453 9.89 6.96 20.18
CA ASN A 453 8.69 7.30 19.44
C ASN A 453 8.10 8.66 19.89
N ARG A 454 8.75 9.73 19.45
CA ARG A 454 8.48 11.09 19.91
C ARG A 454 7.55 11.91 19.01
N LEU A 455 7.60 11.67 17.71
CA LEU A 455 6.92 12.54 16.74
C LEU A 455 5.75 11.92 16.02
N THR A 456 5.35 10.70 16.37
CA THR A 456 4.23 10.04 15.68
C THR A 456 2.95 10.89 15.67
N TRP A 457 2.58 11.42 16.84
CA TRP A 457 1.42 12.29 16.92
C TRP A 457 1.72 13.54 16.07
N PHE A 458 2.94 14.04 16.15
CA PHE A 458 3.32 15.33 15.60
C PHE A 458 3.35 15.30 14.08
N ASP A 459 4.04 14.31 13.51
CA ASP A 459 4.19 14.15 12.06
C ASP A 459 2.83 14.02 11.40
N GLU A 460 1.99 13.18 11.97
CA GLU A 460 0.68 12.95 11.39
C GLU A 460 -0.27 14.11 11.73
N GLY A 461 -0.22 14.61 12.96
CA GLY A 461 -1.05 15.73 13.39
C GLY A 461 -0.76 17.03 12.66
N THR A 462 0.51 17.38 12.49
CA THR A 462 0.84 18.61 11.77
C THR A 462 0.45 18.53 10.30
N ALA A 463 0.56 17.34 9.71
CA ALA A 463 0.10 17.09 8.35
C ALA A 463 -1.40 17.39 8.16
N GLU A 464 -2.26 16.84 9.01
CA GLU A 464 -3.69 17.10 8.89
C GLU A 464 -3.90 18.57 9.01
N PHE A 465 -3.11 19.17 9.90
CA PHE A 465 -3.25 20.55 10.27
C PHE A 465 -2.89 21.47 9.10
N PHE A 466 -1.64 21.40 8.64
CA PHE A 466 -1.21 22.26 7.54
C PHE A 466 -1.99 22.05 6.24
N ALA A 467 -2.65 20.90 6.09
CA ALA A 467 -3.54 20.68 4.95
C ALA A 467 -4.62 21.77 4.87
N GLY A 468 -4.93 22.39 5.99
CA GLY A 468 -5.94 23.42 6.07
C GLY A 468 -5.45 24.84 5.88
N SER A 469 -4.25 24.99 5.33
CA SER A 469 -3.69 26.31 5.03
C SER A 469 -4.58 27.07 4.06
N THR A 470 -4.58 28.39 4.16
CA THR A 470 -5.38 29.26 3.26
C THR A 470 -4.46 30.37 2.82
N ARG A 471 -4.91 31.19 1.89
CA ARG A 471 -4.06 32.27 1.41
C ARG A 471 -3.88 33.42 2.43
N THR A 472 -4.98 33.93 2.98
CA THR A 472 -4.96 35.12 3.83
C THR A 472 -5.56 34.94 5.23
N SER A 473 -6.01 33.73 5.57
CA SER A 473 -6.60 33.48 6.88
C SER A 473 -5.82 32.54 7.75
N GLY A 474 -4.56 32.26 7.42
CA GLY A 474 -3.74 31.34 8.24
C GLY A 474 -4.17 29.89 8.04
N VAL A 475 -4.13 29.10 9.10
CA VAL A 475 -4.56 27.70 9.03
C VAL A 475 -5.94 27.52 9.65
N LEU A 476 -6.84 26.89 8.90
CA LEU A 476 -8.20 26.60 9.38
C LEU A 476 -8.45 25.11 9.52
N PRO A 477 -9.33 24.70 10.45
CA PRO A 477 -9.63 23.28 10.58
C PRO A 477 -10.37 22.76 9.34
N ARG A 478 -10.12 21.53 8.94
CA ARG A 478 -10.90 20.96 7.85
C ARG A 478 -12.16 20.30 8.39
N LYS A 479 -13.26 20.48 7.67
CA LYS A 479 -14.57 20.01 8.11
C LYS A 479 -14.60 18.50 8.38
N LEU A 480 -13.89 17.73 7.56
CA LEU A 480 -13.89 16.28 7.65
C LEU A 480 -13.31 15.77 8.97
N ILE A 481 -12.20 16.38 9.37
CA ILE A 481 -11.55 16.02 10.61
C ILE A 481 -12.41 16.50 11.77
N LEU A 482 -12.94 17.71 11.67
CA LEU A 482 -13.92 18.15 12.66
C LEU A 482 -15.06 17.16 12.83
N GLY A 483 -15.52 16.58 11.72
CA GLY A 483 -16.61 15.60 11.73
C GLY A 483 -16.27 14.34 12.49
N TYR A 484 -15.03 13.88 12.32
CA TYR A 484 -14.53 12.69 13.02
C TYR A 484 -14.59 12.88 14.52
N LEU A 485 -14.02 14.00 14.97
CA LEU A 485 -14.09 14.40 16.35
C LEU A 485 -15.49 14.28 16.94
N ALA A 486 -16.54 14.43 16.11
CA ALA A 486 -17.92 14.15 16.57
C ALA A 486 -18.20 12.65 16.77
N LYS A 487 -17.76 12.15 17.93
CA LYS A 487 -17.92 10.76 18.38
C LYS A 487 -18.04 10.74 19.92
N ASP A 488 -17.85 9.58 20.54
CA ASP A 488 -18.08 9.37 22.00
C ASP A 488 -17.23 10.25 22.92
N LYS A 489 -17.89 11.16 23.66
CA LYS A 489 -17.20 12.07 24.57
C LYS A 489 -16.51 11.29 25.70
N VAL A 490 -17.28 10.40 26.32
CA VAL A 490 -16.89 9.60 27.50
C VAL A 490 -15.76 8.64 27.15
N ASP A 491 -14.54 9.04 27.52
CA ASP A 491 -13.30 8.40 27.08
C ASP A 491 -13.40 8.31 25.58
N HIS A 492 -12.69 7.35 25.00
CA HIS A 492 -12.56 7.27 23.56
C HIS A 492 -11.84 8.54 23.19
N ARG A 493 -12.28 9.68 23.76
CA ARG A 493 -11.56 10.96 23.67
C ARG A 493 -10.25 10.88 24.42
N TYR A 494 -9.17 11.24 23.75
CA TYR A 494 -7.86 11.11 24.33
C TYR A 494 -7.55 12.27 25.25
N SER A 495 -6.86 11.96 26.32
CA SER A 495 -6.25 12.99 27.15
C SER A 495 -5.04 13.55 26.41
N LEU A 496 -4.57 14.72 26.83
CA LEU A 496 -3.36 15.33 26.28
C LEU A 496 -2.20 14.36 26.40
N LYS A 497 -2.06 13.76 27.58
CA LYS A 497 -0.98 12.83 27.91
C LYS A 497 -0.99 11.60 27.02
N LYS A 498 -2.16 11.06 26.75
CA LYS A 498 -2.27 9.86 25.94
C LYS A 498 -1.82 10.12 24.51
N THR A 499 -2.32 11.22 23.95
CA THR A 499 -2.04 11.59 22.58
C THR A 499 -0.57 11.85 22.36
N LEU A 500 0.09 12.46 23.34
CA LEU A 500 1.50 12.75 23.21
C LEU A 500 2.37 11.50 23.37
N ASN A 501 1.81 10.46 23.99
CA ASN A 501 2.60 9.29 24.36
C ASN A 501 2.05 7.96 23.83
N SER A 502 1.94 7.83 22.50
CA SER A 502 1.60 6.55 21.86
C SER A 502 2.72 5.49 22.06
N ASP A 505 1.83 -0.41 21.52
CA ASP A 505 2.30 0.30 20.33
C ASP A 505 1.13 0.71 19.43
N ASP A 506 0.08 -0.10 19.44
CA ASP A 506 -1.11 0.17 18.62
C ASP A 506 -2.02 1.23 19.29
N SER A 507 -2.75 1.95 18.44
CA SER A 507 -3.87 2.79 18.86
C SER A 507 -4.91 2.77 17.75
N ASP A 508 -6.16 3.03 18.10
CA ASP A 508 -7.24 3.07 17.11
C ASP A 508 -7.07 4.28 16.16
N TRP A 509 -7.79 4.25 15.04
CA TRP A 509 -7.64 5.25 13.97
C TRP A 509 -7.84 6.69 14.42
N MSE A 510 -8.52 6.86 15.55
CA MSE A 510 -8.77 8.16 16.14
C MSE A 510 -7.53 8.87 16.66
O MSE A 510 -7.55 10.07 16.92
CB MSE A 510 -9.79 8.04 17.26
CG MSE A 510 -11.22 7.97 16.76
SE MSE A 510 -11.74 9.67 15.99
CE MSE A 510 -13.59 9.23 15.55
N PHE A 511 -6.44 8.12 16.80
CA PHE A 511 -5.18 8.67 17.31
C PHE A 511 -4.70 9.89 16.52
N TYR A 512 -4.80 9.81 15.18
CA TYR A 512 -4.34 10.88 14.30
C TYR A 512 -5.24 12.11 14.39
N ASN A 513 -6.53 11.89 14.56
CA ASN A 513 -7.51 12.95 14.73
C ASN A 513 -7.33 13.74 16.02
N TYR A 514 -6.83 13.08 17.06
CA TYR A 514 -6.49 13.76 18.31
C TYR A 514 -5.13 14.43 18.22
N GLY A 515 -4.22 13.85 17.45
CA GLY A 515 -2.92 14.47 17.17
C GLY A 515 -3.11 15.81 16.49
N PHE A 516 -4.00 15.82 15.49
CA PHE A 516 -4.45 17.06 14.88
C PHE A 516 -4.94 18.06 15.95
N ALA A 517 -5.81 17.60 16.85
CA ALA A 517 -6.44 18.48 17.80
C ALA A 517 -5.40 19.12 18.70
N VAL A 518 -4.38 18.34 19.07
CA VAL A 518 -3.26 18.88 19.85
C VAL A 518 -2.55 19.99 19.05
N ALA A 519 -2.16 19.67 17.83
CA ALA A 519 -1.53 20.68 16.96
C ALA A 519 -2.41 21.92 16.84
N HIS A 520 -3.70 21.74 16.59
CA HIS A 520 -4.56 22.88 16.47
C HIS A 520 -4.67 23.64 17.78
N TYR A 521 -4.87 22.90 18.86
CA TYR A 521 -4.87 23.48 20.20
C TYR A 521 -3.66 24.35 20.47
N LEU A 522 -2.46 23.83 20.21
CA LEU A 522 -1.23 24.59 20.43
C LEU A 522 -1.14 25.83 19.56
N TYR A 523 -1.61 25.71 18.32
CA TYR A 523 -1.59 26.80 17.36
C TYR A 523 -2.52 27.92 17.82
N GLU A 524 -3.77 27.60 18.12
CA GLU A 524 -4.70 28.64 18.54
C GLU A 524 -4.46 29.12 19.99
N LYS A 525 -4.39 28.17 20.92
CA LYS A 525 -4.40 28.49 22.36
C LYS A 525 -3.03 28.71 23.01
N ASP A 526 -1.97 28.15 22.43
CA ASP A 526 -0.65 28.20 23.05
C ASP A 526 0.48 28.29 22.02
N MSE A 527 0.47 29.35 21.22
CA MSE A 527 1.52 29.55 20.20
C MSE A 527 2.94 29.47 20.78
O MSE A 527 3.84 28.95 20.10
CB MSE A 527 1.36 30.89 19.45
CG MSE A 527 0.61 30.82 18.12
SE MSE A 527 1.15 29.50 16.77
CE MSE A 527 3.03 29.88 16.50
N PRO A 528 3.16 30.01 22.00
CA PRO A 528 4.51 29.94 22.56
C PRO A 528 5.06 28.52 22.64
N THR A 529 4.21 27.56 22.95
CA THR A 529 4.68 26.19 23.10
C THR A 529 4.91 25.57 21.73
N PHE A 530 4.00 25.86 20.80
CA PHE A 530 4.16 25.42 19.41
C PHE A 530 5.52 25.84 18.81
N ILE A 531 5.85 27.12 18.96
CA ILE A 531 7.11 27.65 18.47
C ILE A 531 8.32 27.00 19.17
N LYS A 532 8.27 26.92 20.50
CA LYS A 532 9.34 26.28 21.24
C LYS A 532 9.58 24.84 20.79
N MSE A 533 8.49 24.11 20.52
CA MSE A 533 8.53 22.73 20.06
C MSE A 533 9.20 22.61 18.69
O MSE A 533 10.12 21.78 18.50
CB MSE A 533 7.10 22.20 20.02
CG MSE A 533 6.88 20.83 19.48
SE MSE A 533 5.11 20.28 20.06
CE MSE A 533 4.05 20.82 18.57
N ASN A 534 8.76 23.43 17.75
CA ASN A 534 9.34 23.47 16.42
C ASN A 534 10.81 23.85 16.43
N LYS A 535 11.20 24.77 17.31
CA LYS A 535 12.60 25.20 17.39
C LYS A 535 13.49 24.05 17.87
N ALA A 536 12.94 23.27 18.80
CA ALA A 536 13.62 22.07 19.30
C ALA A 536 13.89 21.05 18.18
N ILE A 537 12.85 20.70 17.43
CA ILE A 537 13.00 19.75 16.32
C ILE A 537 14.01 20.30 15.32
N LEU A 538 13.82 21.58 15.00
CA LEU A 538 14.65 22.30 14.05
C LEU A 538 16.12 22.28 14.46
N ASN A 539 16.38 22.51 15.74
CA ASN A 539 17.74 22.53 16.25
C ASN A 539 18.25 21.16 16.62
N THR A 540 17.45 20.12 16.39
CA THR A 540 17.81 18.74 16.81
C THR A 540 18.06 18.65 18.32
N ASP A 541 17.30 19.40 19.11
CA ASP A 541 17.40 19.34 20.57
C ASP A 541 16.35 18.37 21.12
N VAL A 542 16.72 17.10 21.18
CA VAL A 542 15.83 16.03 21.62
C VAL A 542 15.41 16.27 23.07
N LYS A 543 16.35 16.79 23.87
CA LYS A 543 16.11 17.09 25.29
C LYS A 543 15.06 18.18 25.54
N SER A 544 15.13 19.28 24.79
CA SER A 544 14.14 20.35 24.92
C SER A 544 12.75 19.88 24.55
N TYR A 545 12.66 19.09 23.49
CA TYR A 545 11.39 18.55 23.01
C TYR A 545 10.74 17.67 24.06
N ASP A 546 11.55 16.78 24.63
CA ASP A 546 11.09 15.81 25.63
C ASP A 546 10.64 16.52 26.91
N GLU A 547 11.32 17.62 27.24
CA GLU A 547 10.95 18.43 28.39
C GLU A 547 9.60 19.11 28.19
N ILE A 548 9.37 19.60 26.98
CA ILE A 548 8.12 20.26 26.64
C ILE A 548 6.96 19.27 26.69
N ILE A 549 7.14 18.10 26.08
CA ILE A 549 6.14 17.03 26.12
C ILE A 549 5.84 16.59 27.55
N LYS A 550 6.89 16.59 28.38
CA LYS A 550 6.78 16.23 29.78
C LYS A 550 5.89 17.22 30.56
N LYS A 551 6.22 18.51 30.46
CA LYS A 551 5.42 19.57 31.10
C LYS A 551 3.96 19.46 30.69
N LEU A 552 3.70 19.36 29.39
CA LEU A 552 2.33 19.22 28.92
C LEU A 552 1.66 17.98 29.50
N SER A 553 2.35 16.83 29.44
CA SER A 553 1.79 15.57 29.95
C SER A 553 1.50 15.61 31.43
N ASP A 554 2.40 16.21 32.20
CA ASP A 554 2.32 16.24 33.67
C ASP A 554 1.35 17.28 34.23
N ASP A 555 1.11 18.33 33.44
CA ASP A 555 0.23 19.43 33.83
C ASP A 555 -1.22 19.09 33.51
N ALA A 556 -2.00 18.85 34.56
CA ALA A 556 -3.43 18.56 34.46
C ALA A 556 -4.20 19.76 33.91
N ASN A 557 -3.62 20.96 34.04
CA ASN A 557 -4.25 22.20 33.59
C ASN A 557 -4.30 22.29 32.09
N LYS A 558 -3.16 22.08 31.44
CA LYS A 558 -3.09 22.05 29.98
C LYS A 558 -4.04 21.01 29.39
N ASN A 559 -4.23 19.90 30.10
CA ASN A 559 -5.18 18.89 29.66
C ASN A 559 -6.63 19.37 29.67
N THR A 560 -7.01 20.11 30.72
CA THR A 560 -8.38 20.64 30.79
C THR A 560 -8.59 21.63 29.66
N GLU A 561 -7.58 22.45 29.38
CA GLU A 561 -7.63 23.37 28.26
C GLU A 561 -7.94 22.60 26.98
N TYR A 562 -7.09 21.61 26.73
CA TYR A 562 -7.18 20.72 25.58
C TYR A 562 -8.54 20.02 25.46
N GLN A 563 -9.09 19.59 26.57
CA GLN A 563 -10.36 18.88 26.56
C GLN A 563 -11.52 19.76 26.10
N ASN A 564 -11.46 21.04 26.48
CA ASN A 564 -12.49 22.00 26.10
C ASN A 564 -12.25 22.47 24.67
N HIS A 565 -10.99 22.67 24.33
CA HIS A 565 -10.60 22.94 22.93
C HIS A 565 -11.10 21.89 21.94
N ILE A 566 -11.05 20.61 22.33
CA ILE A 566 -11.67 19.56 21.50
C ILE A 566 -13.15 19.88 21.31
N GLN A 567 -13.84 20.23 22.40
CA GLN A 567 -15.25 20.59 22.31
C GLN A 567 -15.48 21.78 21.38
N GLU A 568 -14.57 22.76 21.44
CA GLU A 568 -14.65 23.95 20.59
C GLU A 568 -14.58 23.58 19.11
N LEU A 569 -13.65 22.69 18.77
CA LEU A 569 -13.57 22.15 17.42
C LEU A 569 -14.89 21.47 17.06
N VAL A 570 -15.37 20.58 17.92
CA VAL A 570 -16.59 19.82 17.63
C VAL A 570 -17.72 20.78 17.34
N ASP A 571 -17.74 21.90 18.05
CA ASP A 571 -18.77 22.91 17.85
C ASP A 571 -18.62 23.62 16.52
N LYS A 572 -17.37 23.88 16.11
CA LYS A 572 -17.07 24.57 14.85
C LYS A 572 -17.45 23.76 13.62
N TYR A 573 -17.76 22.48 13.81
CA TYR A 573 -18.04 21.58 12.69
C TYR A 573 -19.21 22.00 11.81
N GLN A 574 -20.29 22.48 12.43
CA GLN A 574 -21.48 22.92 11.69
C GLN A 574 -21.11 23.82 10.49
N GLY A 575 -20.38 24.90 10.76
CA GLY A 575 -20.08 25.92 9.76
C GLY A 575 -18.71 25.84 9.13
N ALA A 576 -17.98 24.75 9.36
CA ALA A 576 -16.64 24.58 8.79
C ALA A 576 -16.67 24.25 7.29
N GLY A 577 -15.49 24.27 6.67
CA GLY A 577 -15.33 23.83 5.28
C GLY A 577 -13.96 23.25 5.03
N ILE A 578 -13.72 22.85 3.78
CA ILE A 578 -12.40 22.40 3.36
C ILE A 578 -11.64 23.55 2.68
N PRO A 579 -10.53 23.98 3.29
CA PRO A 579 -9.72 24.97 2.62
C PRO A 579 -9.14 24.42 1.30
N LEU A 580 -9.66 24.92 0.19
CA LEU A 580 -9.17 24.59 -1.15
C LEU A 580 -8.85 25.87 -1.89
N VAL A 581 -7.89 25.76 -2.80
CA VAL A 581 -7.47 26.83 -3.69
C VAL A 581 -8.63 27.53 -4.43
N SER A 582 -8.53 28.85 -4.54
CA SER A 582 -9.53 29.68 -5.20
C SER A 582 -9.50 29.57 -6.73
N ASP A 583 -10.67 29.71 -7.35
CA ASP A 583 -10.77 29.83 -8.80
C ASP A 583 -10.00 31.05 -9.33
N ASP A 584 -9.78 32.03 -8.47
CA ASP A 584 -9.03 33.22 -8.79
C ASP A 584 -7.66 32.94 -9.37
N TYR A 585 -7.02 31.87 -8.90
CA TYR A 585 -5.71 31.47 -9.38
C TYR A 585 -5.69 31.12 -10.85
N LEU A 586 -6.81 30.61 -11.36
CA LEU A 586 -6.91 30.15 -12.75
C LEU A 586 -7.32 31.23 -13.74
N LYS A 587 -7.57 32.44 -13.24
CA LYS A 587 -8.05 33.53 -14.09
C LYS A 587 -6.93 34.09 -14.97
N ASP A 588 -7.32 34.63 -16.12
CA ASP A 588 -6.41 35.34 -17.03
C ASP A 588 -6.15 36.72 -16.45
N HIS A 589 -5.00 36.88 -15.82
CA HIS A 589 -4.75 38.13 -15.10
C HIS A 589 -4.37 39.27 -16.02
N GLY A 590 -3.74 38.93 -17.14
CA GLY A 590 -3.25 39.93 -18.07
C GLY A 590 -1.99 40.61 -17.59
N TYR A 591 -1.47 41.49 -18.43
CA TYR A 591 -0.18 42.12 -18.22
C TYR A 591 -0.18 43.10 -17.09
N LYS A 592 0.95 43.11 -16.39
CA LYS A 592 1.25 44.08 -15.37
C LYS A 592 2.76 44.14 -15.37
N LYS A 593 3.30 45.35 -15.41
CA LYS A 593 4.74 45.54 -15.55
C LYS A 593 5.39 45.09 -14.27
N ALA A 594 6.41 44.26 -14.38
CA ALA A 594 6.96 43.59 -13.20
C ALA A 594 7.40 44.58 -12.11
N SER A 595 8.06 45.66 -12.51
CA SER A 595 8.64 46.60 -11.54
C SER A 595 7.59 47.27 -10.66
N GLU A 596 6.37 47.44 -11.19
CA GLU A 596 5.28 48.06 -10.44
C GLU A 596 4.80 47.13 -9.35
N VAL A 597 4.74 45.85 -9.66
CA VAL A 597 4.35 44.82 -8.70
C VAL A 597 5.32 44.80 -7.53
N TYR A 598 6.60 44.86 -7.84
CA TYR A 598 7.63 44.78 -6.80
C TYR A 598 7.56 46.00 -5.89
N SER A 599 7.50 47.17 -6.51
CA SER A 599 7.35 48.42 -5.79
C SER A 599 6.07 48.41 -4.99
N GLU A 600 4.98 47.92 -5.59
CA GLU A 600 3.70 47.94 -4.90
C GLU A 600 3.77 47.05 -3.66
N ILE A 601 4.35 45.86 -3.82
CA ILE A 601 4.48 44.94 -2.70
C ILE A 601 5.45 45.51 -1.65
N SER A 602 6.55 46.11 -2.09
CA SER A 602 7.54 46.64 -1.14
C SER A 602 7.00 47.77 -0.25
N LYS A 603 6.23 48.69 -0.84
CA LYS A 603 5.66 49.78 -0.07
C LYS A 603 4.68 49.23 0.93
N ALA A 604 3.77 48.38 0.46
CA ALA A 604 2.66 47.93 1.28
C ALA A 604 3.12 47.07 2.44
N ALA A 605 4.25 46.38 2.26
CA ALA A 605 4.78 45.55 3.32
C ALA A 605 5.96 46.20 4.06
N SER A 606 6.35 47.40 3.65
CA SER A 606 7.50 48.13 4.23
C SER A 606 8.77 47.27 4.18
N LEU A 607 9.04 46.69 3.03
CA LEU A 607 10.20 45.81 2.90
C LEU A 607 11.44 46.62 2.58
N THR A 608 12.58 46.09 2.97
CA THR A 608 13.86 46.76 2.80
C THR A 608 14.85 45.79 2.18
N ASN A 609 15.82 46.32 1.44
CA ASN A 609 16.89 45.50 0.90
C ASN A 609 16.35 44.32 0.10
N THR A 610 15.28 44.57 -0.66
CA THR A 610 14.55 43.53 -1.42
C THR A 610 15.33 42.98 -2.61
N SER A 611 14.98 41.76 -3.03
CA SER A 611 15.51 41.15 -4.24
C SER A 611 14.46 40.19 -4.76
N VAL A 612 14.52 39.87 -6.05
CA VAL A 612 13.47 39.11 -6.71
C VAL A 612 14.04 38.02 -7.61
N THR A 613 13.30 36.95 -7.81
CA THR A 613 13.63 35.97 -8.85
C THR A 613 12.36 35.65 -9.59
N ALA A 614 12.50 35.45 -10.89
CA ALA A 614 11.38 35.10 -11.75
C ALA A 614 11.57 33.67 -12.14
N GLU A 615 10.49 32.90 -12.17
CA GLU A 615 10.60 31.50 -12.53
C GLU A 615 9.60 31.08 -13.59
N LYS A 616 10.05 30.22 -14.50
CA LYS A 616 9.23 29.79 -15.63
C LYS A 616 8.46 28.50 -15.31
N SER A 617 7.20 28.47 -15.72
CA SER A 617 6.36 27.31 -15.56
C SER A 617 5.66 26.95 -16.87
N GLN A 618 4.93 25.84 -16.83
CA GLN A 618 4.23 25.29 -17.98
C GLN A 618 3.16 26.25 -18.52
N TYR A 619 2.42 26.88 -17.61
CA TYR A 619 1.28 27.72 -17.97
C TYR A 619 1.38 29.20 -17.60
N PHE A 620 2.43 29.55 -16.88
CA PHE A 620 2.57 30.88 -16.33
C PHE A 620 3.98 31.08 -15.80
N ASN A 621 4.29 32.31 -15.44
CA ASN A 621 5.51 32.61 -14.74
C ASN A 621 5.19 33.04 -13.32
N THR A 622 6.20 33.06 -12.46
CA THR A 622 6.02 33.47 -11.10
C THR A 622 7.27 34.21 -10.68
N PHE A 623 7.15 34.97 -9.60
CA PHE A 623 8.27 35.67 -9.02
C PHE A 623 8.33 35.36 -7.53
N THR A 624 9.51 35.45 -6.95
CA THR A 624 9.61 35.36 -5.51
C THR A 624 10.33 36.60 -5.03
N LEU A 625 9.66 37.36 -4.16
CA LEU A 625 10.21 38.61 -3.65
C LEU A 625 10.68 38.47 -2.19
N ARG A 626 11.96 38.77 -1.94
CA ARG A 626 12.56 38.68 -0.59
C ARG A 626 13.04 40.03 -0.07
N GLY A 627 12.57 40.37 1.13
CA GLY A 627 12.88 41.64 1.77
C GLY A 627 13.05 41.48 3.27
N THR A 628 13.72 42.46 3.88
CA THR A 628 13.84 42.52 5.31
C THR A 628 12.70 43.38 5.80
N TYR A 629 12.06 42.94 6.89
CA TYR A 629 11.10 43.78 7.58
C TYR A 629 11.58 44.12 9.00
N THR A 630 11.63 45.40 9.32
CA THR A 630 11.92 45.81 10.68
C THR A 630 10.84 46.76 11.18
N GLY A 631 10.18 46.36 12.26
CA GLY A 631 9.07 47.12 12.81
C GLY A 631 9.41 47.93 14.04
N GLU A 632 8.41 48.15 14.87
CA GLU A 632 8.57 48.92 16.08
C GLU A 632 9.18 48.06 17.20
N THR A 633 9.10 48.56 18.43
CA THR A 633 9.65 47.88 19.59
C THR A 633 8.93 46.57 19.83
N SER A 634 9.74 45.54 20.07
CA SER A 634 9.27 44.18 20.32
C SER A 634 8.33 44.06 21.52
N LYS A 635 7.24 43.32 21.33
CA LYS A 635 6.28 43.03 22.41
C LYS A 635 6.43 41.60 22.94
N GLY A 636 7.59 41.00 22.71
CA GLY A 636 7.79 39.59 23.03
C GLY A 636 7.68 38.78 21.77
N GLU A 637 8.32 37.61 21.73
CA GLU A 637 8.40 36.83 20.50
C GLU A 637 7.04 36.37 20.01
N PHE A 638 6.20 35.93 20.93
CA PHE A 638 5.01 35.23 20.53
C PHE A 638 3.91 36.22 20.15
N LYS A 639 3.90 37.35 20.84
CA LYS A 639 3.07 38.49 20.50
C LYS A 639 3.54 39.09 19.16
N ASP A 640 4.86 39.19 18.98
CA ASP A 640 5.40 39.59 17.68
C ASP A 640 4.94 38.72 16.51
N TRP A 641 4.97 37.42 16.70
CA TRP A 641 4.56 36.47 15.69
C TRP A 641 3.09 36.69 15.34
N ASP A 642 2.29 36.98 16.35
CA ASP A 642 0.84 37.10 16.18
C ASP A 642 0.51 38.31 15.34
N GLU A 643 1.13 39.43 15.72
CA GLU A 643 0.91 40.70 15.03
C GLU A 643 1.48 40.67 13.62
N MSE A 644 2.66 40.05 13.46
CA MSE A 644 3.25 39.89 12.13
C MSE A 644 2.33 39.10 11.20
O MSE A 644 2.17 39.46 10.03
CB MSE A 644 4.61 39.22 12.19
CG MSE A 644 5.33 39.12 10.87
SE MSE A 644 5.89 40.84 10.18
CE MSE A 644 6.07 40.44 8.27
N SER A 645 1.71 38.03 11.72
CA SER A 645 0.68 37.33 10.99
C SER A 645 -0.40 38.29 10.56
N LYS A 646 -0.95 39.05 11.50
CA LYS A 646 -2.08 39.91 11.18
C LYS A 646 -1.69 41.04 10.22
N LYS A 647 -0.51 41.61 10.44
CA LYS A 647 -0.04 42.70 9.61
C LYS A 647 0.22 42.22 8.18
N LEU A 648 0.73 41.00 8.03
CA LEU A 648 1.04 40.43 6.72
C LEU A 648 -0.21 39.95 5.96
N ASP A 649 -1.10 39.26 6.67
CA ASP A 649 -2.35 38.85 6.09
C ASP A 649 -3.09 40.08 5.61
N GLY A 650 -3.02 41.16 6.38
CA GLY A 650 -3.68 42.42 6.06
C GLY A 650 -3.16 43.03 4.77
N THR A 651 -1.85 42.97 4.58
CA THR A 651 -1.22 43.43 3.35
C THR A 651 -1.66 42.62 2.11
N LEU A 652 -1.64 41.30 2.23
CA LEU A 652 -2.19 40.42 1.18
C LEU A 652 -3.63 40.73 0.81
N GLU A 653 -4.43 41.10 1.80
CA GLU A 653 -5.84 41.40 1.57
C GLU A 653 -6.06 42.74 0.85
N SER A 654 -5.31 43.75 1.27
CA SER A 654 -5.42 45.07 0.72
C SER A 654 -4.88 45.11 -0.70
N LEU A 655 -3.84 44.31 -0.95
CA LEU A 655 -3.27 44.21 -2.29
C LEU A 655 -4.28 43.63 -3.26
N ALA A 656 -5.14 42.74 -2.78
CA ALA A 656 -6.18 42.14 -3.60
C ALA A 656 -7.29 43.13 -3.92
N LYS A 657 -7.28 44.28 -3.25
CA LYS A 657 -8.26 45.33 -3.53
C LYS A 657 -7.91 46.08 -4.79
N ASN A 658 -6.66 45.98 -5.25
CA ASN A 658 -6.24 46.60 -6.52
C ASN A 658 -6.92 45.96 -7.75
N SER A 659 -6.93 46.69 -8.86
CA SER A 659 -7.61 46.20 -10.08
C SER A 659 -6.88 45.01 -10.76
N TRP A 660 -5.57 44.89 -10.57
CA TRP A 660 -4.86 43.76 -11.15
C TRP A 660 -5.19 42.42 -10.47
N SER A 661 -5.79 41.56 -11.26
CA SER A 661 -6.20 40.23 -10.87
C SER A 661 -5.08 39.39 -10.23
N GLY A 662 -3.83 39.61 -10.64
CA GLY A 662 -2.70 38.80 -10.20
C GLY A 662 -2.36 38.87 -8.71
N TYR A 663 -2.82 39.90 -8.02
CA TYR A 663 -2.51 40.01 -6.59
C TYR A 663 -3.23 38.94 -5.77
N LYS A 664 -4.29 38.40 -6.36
CA LYS A 664 -5.04 37.34 -5.73
C LYS A 664 -4.30 36.00 -5.78
N THR A 665 -3.16 35.98 -6.47
CA THR A 665 -2.30 34.81 -6.52
C THR A 665 -1.19 34.87 -5.47
N LEU A 666 -1.13 35.97 -4.73
CA LEU A 666 -0.02 36.19 -3.80
C LEU A 666 -0.07 35.29 -2.58
N THR A 667 1.09 34.76 -2.19
CA THR A 667 1.26 34.15 -0.88
C THR A 667 2.50 34.75 -0.23
N ALA A 668 2.53 34.72 1.10
CA ALA A 668 3.59 35.37 1.85
C ALA A 668 3.88 34.66 3.15
N TYR A 669 5.13 34.72 3.57
CA TYR A 669 5.52 34.22 4.88
C TYR A 669 6.69 35.03 5.44
N PHE A 670 7.06 34.76 6.68
CA PHE A 670 8.17 35.43 7.29
C PHE A 670 8.99 34.38 8.01
N THR A 671 10.27 34.65 8.21
CA THR A 671 11.16 33.68 8.84
C THR A 671 12.26 34.41 9.59
N ASN A 672 13.07 33.66 10.35
CA ASN A 672 14.22 34.20 11.04
C ASN A 672 13.92 35.36 11.95
N TYR A 673 12.85 35.25 12.71
CA TYR A 673 12.54 36.23 13.74
C TYR A 673 13.73 36.58 14.59
N ARG A 674 13.96 37.87 14.74
CA ARG A 674 14.96 38.35 15.67
C ARG A 674 14.62 39.78 16.08
N VAL A 675 15.41 40.32 16.98
CA VAL A 675 15.22 41.63 17.51
C VAL A 675 16.52 42.38 17.27
N THR A 676 16.42 43.69 17.00
CA THR A 676 17.61 44.52 16.82
C THR A 676 18.24 44.92 18.16
N SER A 677 19.49 45.39 18.09
CA SER A 677 20.19 46.00 19.24
C SER A 677 19.31 46.99 20.00
N ASP A 678 18.32 47.56 19.31
CA ASP A 678 17.42 48.55 19.89
C ASP A 678 16.03 47.94 20.12
N ASN A 679 15.98 46.61 20.22
CA ASN A 679 14.73 45.88 20.48
C ASN A 679 13.64 46.04 19.44
N LYS A 680 14.00 46.45 18.23
CA LYS A 680 13.01 46.53 17.15
C LYS A 680 12.81 45.14 16.55
N VAL A 681 11.54 44.77 16.39
CA VAL A 681 11.14 43.52 15.71
C VAL A 681 11.74 43.46 14.30
N GLN A 682 12.30 42.31 13.94
CA GLN A 682 12.87 42.15 12.60
C GLN A 682 12.59 40.75 12.02
N TYR A 683 12.11 40.72 10.77
CA TYR A 683 11.85 39.46 10.05
C TYR A 683 12.41 39.44 8.63
N ASP A 684 12.60 38.23 8.08
CA ASP A 684 12.74 38.04 6.63
C ASP A 684 11.36 37.75 6.05
N VAL A 685 10.98 38.47 4.98
CA VAL A 685 9.64 38.31 4.41
C VAL A 685 9.70 37.88 2.96
N VAL A 686 8.80 36.98 2.58
CA VAL A 686 8.78 36.40 1.24
C VAL A 686 7.38 36.49 0.66
N PHE A 687 7.29 37.03 -0.56
CA PHE A 687 6.05 37.05 -1.34
C PHE A 687 6.22 36.21 -2.59
N HIS A 688 5.15 35.51 -2.97
CA HIS A 688 5.16 34.72 -4.19
C HIS A 688 3.88 34.95 -4.96
N GLY A 689 3.98 35.14 -6.26
CA GLY A 689 2.80 35.29 -7.12
C GLY A 689 3.05 35.08 -8.60
N VAL A 690 1.98 35.09 -9.38
CA VAL A 690 2.03 35.02 -10.84
C VAL A 690 2.73 36.26 -11.41
N LEU A 691 3.44 36.07 -12.51
CA LEU A 691 4.18 37.12 -13.16
C LEU A 691 3.72 37.12 -14.61
N THR A 692 3.44 38.31 -15.15
CA THR A 692 2.89 38.42 -16.51
C THR A 692 3.72 39.36 -17.35
N ASP A 693 4.90 39.73 -16.87
CA ASP A 693 5.82 40.57 -17.63
C ASP A 693 7.03 39.75 -18.09
N ASN A 694 7.23 39.65 -19.39
CA ASN A 694 8.35 38.89 -19.97
C ASN A 694 9.77 39.49 -19.74
N GLY A 695 10.05 40.63 -20.38
CA GLY A 695 11.35 41.34 -20.25
C GLY A 695 12.23 40.86 -19.09
O1 P6G B . -13.86 -15.84 -6.90
C2 P6G B . -13.02 -16.53 -7.85
C3 P6G B . -12.33 -17.71 -7.17
O4 P6G B . -10.90 -17.63 -7.26
C5 P6G B . -10.29 -17.77 -5.98
C6 P6G B . -8.89 -18.37 -6.15
O7 P6G B . -7.96 -17.33 -6.45
C8 P6G B . -6.91 -17.24 -5.47
C9 P6G B . -5.87 -16.15 -5.82
O10 P6G B . -5.19 -16.38 -7.07
C11 P6G B . -5.26 -15.20 -7.89
C12 P6G B . -4.13 -15.12 -8.91
O13 P6G B . -2.94 -15.80 -8.51
C14 P6G B . -2.11 -16.06 -9.65
C15 P6G B . -1.03 -17.08 -9.32
O16 P6G B . 0.10 -16.41 -8.74
C17 P6G B . 0.86 -17.30 -7.92
C18 P6G B . 0.97 -16.70 -6.53
O19 P6G B . 2.36 -16.51 -6.25
CAC FLC C . -2.84 34.65 13.87
CA FLC C . -2.50 33.17 13.92
CB FLC C . -3.48 32.55 14.90
CBC FLC C . -2.76 31.67 15.92
CG FLC C . -4.64 31.79 14.24
CGC FLC C . -5.05 32.35 12.91
OA1 FLC C . -2.87 35.27 14.96
OA2 FLC C . -3.10 35.22 12.78
OB1 FLC C . -2.43 32.11 17.04
OB2 FLC C . -2.48 30.48 15.65
OG1 FLC C . -5.53 31.51 12.09
OG2 FLC C . -4.92 33.59 12.64
OHB FLC C . -4.05 33.67 15.55
C1 PEG D . 17.71 34.12 -13.44
O1 PEG D . 17.22 34.70 -12.22
C2 PEG D . 17.77 32.59 -13.32
O2 PEG D . 18.94 32.12 -13.97
C3 PEG D . 18.67 31.04 -14.88
C4 PEG D . 19.86 30.07 -14.90
O4 PEG D . 19.77 29.14 -13.82
#